data_4UFK
#
_entry.id   4UFK
#
_cell.length_a   248.820
_cell.length_b   248.820
_cell.length_c   77.850
_cell.angle_alpha   90.00
_cell.angle_beta   90.00
_cell.angle_gamma   120.00
#
_symmetry.space_group_name_H-M   'H 3 2'
#
loop_
_entity.id
_entity.type
_entity.pdbx_description
1 polymer GALACTOCEREBROSIDASE
2 branched 2-acetamido-2-deoxy-beta-D-glucopyranose-(1-4)-2-acetamido-2-deoxy-beta-D-glucopyranose
3 non-polymer DIDEOXY-IMINO-LYXITOL
4 non-polymer 2-acetamido-2-deoxy-beta-D-glucopyranose
5 non-polymer 'CALCIUM ION'
6 water water
#
_entity_poly.entity_id   1
_entity_poly.type   'polypeptide(L)'
_entity_poly.pdbx_seq_one_letter_code
;HHHHHHIEGRGAYVLDDSDGLGREFDGIGAVSGGGATSRLLVNYPEPYRSEILDYLFKPNFGASLHILKVEIGGDGQTTD
GTEPSHMHYELDENYFRGYEWWLMKEAKKRNPDIILMGLPWSFPGWLGKGFSWPYVNLQLTAYYVVRWILGAKHYHDLDI
DYIGIWNERPFDANYIKELRKMLDYQGLQRVRIIASDNLWEPISSSLLLDQELWKVVDVIGAHYPGTYTVWNAKMSGKKL
WSSEDFSTINSNVGAGCWSRILNQNYINGNMTSTIAWNLVASYYEELPYGRSGLMTAQEPWSGHYVVASPIWVSAHTTQF
TQPGWYYLKTVGHLEKGGSYVALTDGLGNLTIIIETMSHQHSMCIRPYLPYYNVSHQLATFTLKGSLREIQELQVWYTKL
GTPQQRLHFKQLDTLWLLDGSGSFTLELEEDEIFTLTTLTTGRKGSYPPPPSSKPFPTNYKDDFNVEYPLFSEAPNFADQ
TGVFEYYMNNEDREHRFTLRQVLNQRPITWAADASSTISVIGDHHWTNMTVQCDVYIETPRSGGVFIAGRVNKGGILIRS
ATGVFFWIFANGSYRVTADLGGWITYASGHADVTAKRWYTLTLGIKGYFAFGMLNGTILWKNVRVKYPGHGWAAIGTHTF
EFAQFDNFRVEAAR
;
_entity_poly.pdbx_strand_id   A
#
# COMPACT_ATOMS: atom_id res chain seq x y z
N GLY A 11 -21.56 -33.02 -9.79
CA GLY A 11 -22.36 -33.79 -8.87
C GLY A 11 -21.59 -34.11 -7.62
N ALA A 12 -20.79 -35.17 -7.67
CA ALA A 12 -19.91 -35.54 -6.56
C ALA A 12 -18.49 -35.06 -6.82
N TYR A 13 -17.82 -34.60 -5.78
CA TYR A 13 -16.44 -34.12 -5.86
C TYR A 13 -15.53 -34.89 -4.92
N VAL A 14 -14.62 -35.69 -5.47
CA VAL A 14 -13.72 -36.47 -4.64
C VAL A 14 -12.58 -35.64 -4.06
N LEU A 15 -12.45 -35.63 -2.74
CA LEU A 15 -11.31 -35.03 -2.08
C LEU A 15 -10.41 -36.13 -1.54
N ASP A 16 -9.26 -36.33 -2.18
CA ASP A 16 -8.38 -37.42 -1.80
C ASP A 16 -6.93 -36.96 -1.68
N ASP A 17 -6.12 -37.75 -1.00
CA ASP A 17 -4.69 -37.47 -0.91
C ASP A 17 -3.87 -38.75 -1.08
N SER A 18 -4.53 -39.84 -1.46
CA SER A 18 -3.83 -41.12 -1.51
C SER A 18 -2.82 -41.17 -2.65
N ASP A 19 -3.03 -40.37 -3.69
CA ASP A 19 -2.09 -40.32 -4.81
C ASP A 19 -1.13 -39.13 -4.70
N GLY A 20 -1.13 -38.48 -3.54
CA GLY A 20 -0.20 -37.40 -3.31
C GLY A 20 -0.85 -36.03 -3.17
N LEU A 21 -0.02 -35.02 -2.93
CA LEU A 21 -0.52 -33.69 -2.69
C LEU A 21 -0.20 -32.76 -3.84
N GLY A 22 -0.84 -31.59 -3.86
CA GLY A 22 -0.51 -30.57 -4.82
C GLY A 22 0.65 -29.71 -4.32
N ARG A 23 0.62 -28.44 -4.65
CA ARG A 23 1.75 -27.57 -4.29
C ARG A 23 1.65 -27.06 -2.87
N GLU A 24 2.80 -26.73 -2.30
CA GLU A 24 2.84 -26.13 -0.97
C GLU A 24 2.22 -24.75 -1.01
N PHE A 25 1.34 -24.48 -0.05
CA PHE A 25 0.70 -23.17 0.11
C PHE A 25 1.68 -22.22 0.81
N ASP A 26 1.81 -21.00 0.29
CA ASP A 26 2.82 -20.07 0.77
C ASP A 26 2.27 -18.92 1.61
N GLY A 27 0.97 -18.69 1.57
CA GLY A 27 0.36 -17.67 2.41
C GLY A 27 -0.41 -16.60 1.67
N ILE A 28 -1.23 -15.86 2.42
CA ILE A 28 -1.95 -14.73 1.87
C ILE A 28 -1.44 -13.46 2.56
N GLY A 29 -1.29 -12.39 1.80
CA GLY A 29 -0.82 -11.16 2.38
C GLY A 29 -1.32 -9.91 1.69
N ALA A 30 -0.67 -8.80 2.02
CA ALA A 30 -1.11 -7.50 1.51
C ALA A 30 0.06 -6.54 1.45
N VAL A 31 -0.09 -5.49 0.65
CA VAL A 31 0.99 -4.52 0.43
C VAL A 31 0.76 -3.23 1.20
N SER A 32 1.76 -2.81 1.97
CA SER A 32 1.79 -1.42 2.44
C SER A 32 2.84 -0.65 1.66
N GLY A 33 2.40 0.32 0.87
CA GLY A 33 3.32 1.08 0.05
C GLY A 33 2.90 1.12 -1.40
N GLY A 34 3.68 1.82 -2.20
CA GLY A 34 3.30 2.12 -3.57
C GLY A 34 1.92 2.74 -3.69
N GLY A 35 1.67 3.89 -3.05
CA GLY A 35 2.66 4.62 -2.28
C GLY A 35 1.95 5.44 -1.22
N ALA A 36 2.45 5.39 0.01
CA ALA A 36 1.91 6.15 1.14
C ALA A 36 0.48 5.70 1.47
N THR A 37 0.22 4.40 1.29
CA THR A 37 -1.10 3.88 1.53
C THR A 37 -1.40 3.80 3.03
N SER A 38 -0.36 3.71 3.85
CA SER A 38 -0.57 3.64 5.29
C SER A 38 -0.36 4.99 5.98
N ARG A 39 -0.33 6.05 5.16
CA ARG A 39 0.06 7.39 5.62
C ARG A 39 -0.74 7.92 6.80
N LEU A 40 -2.05 7.75 6.75
CA LEU A 40 -2.95 8.32 7.76
C LEU A 40 -3.22 7.41 8.95
N LEU A 41 -2.62 6.23 8.95
CA LEU A 41 -2.85 5.31 10.05
C LEU A 41 -2.03 5.66 11.29
N VAL A 42 -0.83 6.22 11.08
CA VAL A 42 0.13 6.38 12.17
C VAL A 42 -0.32 7.33 13.28
N ASN A 43 -1.17 8.31 12.95
CA ASN A 43 -1.61 9.25 13.97
C ASN A 43 -3.03 8.97 14.47
N TYR A 44 -3.53 7.77 14.22
CA TYR A 44 -4.75 7.33 14.90
C TYR A 44 -4.51 7.30 16.40
N PRO A 45 -5.46 7.80 17.18
CA PRO A 45 -5.35 7.70 18.64
C PRO A 45 -5.51 6.26 19.10
N GLU A 46 -5.14 5.97 20.34
CA GLU A 46 -5.47 4.69 20.92
C GLU A 46 -6.87 4.78 21.52
N PRO A 47 -7.58 3.65 21.61
CA PRO A 47 -7.11 2.30 21.31
C PRO A 47 -7.30 1.89 19.85
N TYR A 48 -7.82 2.81 19.03
CA TYR A 48 -8.28 2.48 17.69
C TYR A 48 -7.16 2.02 16.75
N ARG A 49 -6.02 2.69 16.81
CA ARG A 49 -4.88 2.30 15.98
C ARG A 49 -4.48 0.85 16.24
N SER A 50 -4.46 0.48 17.50
CA SER A 50 -4.15 -0.88 17.93
C SER A 50 -5.21 -1.90 17.48
N GLU A 51 -6.47 -1.49 17.56
CA GLU A 51 -7.58 -2.32 17.11
C GLU A 51 -7.50 -2.59 15.63
N ILE A 52 -7.20 -1.55 14.87
CA ILE A 52 -7.04 -1.65 13.42
C ILE A 52 -5.94 -2.65 13.08
N LEU A 53 -4.82 -2.57 13.79
CA LEU A 53 -3.72 -3.48 13.55
C LEU A 53 -4.09 -4.92 13.89
N ASP A 54 -4.94 -5.10 14.90
CA ASP A 54 -5.41 -6.42 15.30
C ASP A 54 -6.28 -7.05 14.24
N TYR A 55 -7.15 -6.24 13.65
CA TYR A 55 -8.02 -6.72 12.59
C TYR A 55 -7.22 -7.18 11.38
N LEU A 56 -6.00 -6.67 11.25
CA LEU A 56 -5.16 -6.98 10.12
C LEU A 56 -4.20 -8.15 10.40
N PHE A 57 -3.61 -8.16 11.58
CA PHE A 57 -2.47 -9.03 11.85
C PHE A 57 -2.66 -10.04 12.98
N LYS A 58 -3.57 -9.76 13.91
CA LYS A 58 -3.78 -10.68 15.01
C LYS A 58 -4.35 -12.01 14.53
N PRO A 59 -3.67 -13.11 14.90
CA PRO A 59 -4.13 -14.45 14.58
C PRO A 59 -5.50 -14.75 15.17
N ASN A 60 -6.32 -15.50 14.43
CA ASN A 60 -7.63 -15.93 14.89
C ASN A 60 -8.52 -14.78 15.32
N PHE A 61 -8.51 -13.71 14.56
CA PHE A 61 -9.25 -12.51 14.92
C PHE A 61 -9.90 -11.88 13.69
N GLY A 62 -9.08 -11.31 12.81
CA GLY A 62 -9.59 -10.70 11.59
C GLY A 62 -8.91 -11.28 10.35
N ALA A 63 -8.29 -10.42 9.56
CA ALA A 63 -7.67 -10.84 8.31
C ALA A 63 -6.53 -11.83 8.57
N SER A 64 -5.95 -11.77 9.77
CA SER A 64 -4.92 -12.72 10.21
C SER A 64 -3.89 -13.02 9.11
N LEU A 65 -3.31 -11.97 8.54
CA LEU A 65 -2.47 -12.08 7.35
C LEU A 65 -1.19 -12.86 7.58
N HIS A 66 -0.79 -13.63 6.57
CA HIS A 66 0.39 -14.48 6.61
C HIS A 66 1.62 -13.71 6.17
N ILE A 67 1.39 -12.68 5.37
CA ILE A 67 2.45 -12.00 4.66
C ILE A 67 2.26 -10.50 4.69
N LEU A 68 3.31 -9.74 4.98
CA LEU A 68 3.28 -8.29 4.84
C LEU A 68 4.39 -7.82 3.91
N LYS A 69 3.98 -7.16 2.83
CA LYS A 69 4.91 -6.60 1.86
C LYS A 69 4.91 -5.08 1.95
N VAL A 70 6.09 -4.48 2.04
CA VAL A 70 6.20 -3.04 2.20
C VAL A 70 7.11 -2.45 1.13
N GLU A 71 6.83 -1.20 0.76
CA GLU A 71 7.70 -0.46 -0.13
C GLU A 71 9.02 -0.12 0.55
N ILE A 72 10.12 -0.27 -0.17
CA ILE A 72 11.38 0.33 0.24
C ILE A 72 11.45 1.73 -0.36
N GLY A 73 11.13 2.73 0.46
CA GLY A 73 11.00 4.11 0.03
C GLY A 73 12.22 4.63 -0.72
N GLY A 74 11.97 5.36 -1.80
CA GLY A 74 13.04 5.89 -2.62
C GLY A 74 12.85 7.38 -2.89
N ASP A 75 11.97 7.99 -2.11
CA ASP A 75 11.69 9.43 -2.14
C ASP A 75 10.87 9.89 -3.33
N GLY A 76 10.51 8.98 -4.23
CA GLY A 76 9.67 9.36 -5.36
C GLY A 76 8.19 9.13 -5.11
N GLN A 77 7.33 9.77 -5.89
CA GLN A 77 5.88 9.47 -5.92
C GLN A 77 5.58 8.04 -6.42
N THR A 78 4.81 7.27 -5.67
CA THR A 78 4.63 5.89 -6.07
C THR A 78 3.19 5.40 -5.99
N THR A 79 2.24 6.35 -5.96
CA THR A 79 0.83 6.22 -6.42
C THR A 79 -0.09 7.13 -5.61
N ASP A 80 0.06 7.14 -4.29
CA ASP A 80 -0.73 8.03 -3.43
C ASP A 80 0.16 8.91 -2.56
N GLY A 81 1.40 9.06 -2.97
CA GLY A 81 2.33 9.85 -2.20
C GLY A 81 3.75 9.40 -2.41
N THR A 82 4.68 10.05 -1.72
CA THR A 82 6.07 9.63 -1.73
C THR A 82 6.35 8.93 -0.40
N GLU A 83 7.37 8.08 -0.36
CA GLU A 83 7.79 7.51 0.93
C GLU A 83 9.29 7.73 1.08
N PRO A 84 9.72 8.07 2.30
CA PRO A 84 11.11 8.47 2.51
C PRO A 84 12.10 7.32 2.45
N SER A 85 13.27 7.61 1.92
CA SER A 85 14.33 6.63 1.77
C SER A 85 15.25 6.61 2.98
N HIS A 86 15.97 5.51 3.14
CA HIS A 86 16.95 5.43 4.21
C HIS A 86 18.26 6.14 3.82
N MET A 87 18.38 6.50 2.54
CA MET A 87 19.54 7.24 2.06
C MET A 87 19.15 8.36 1.11
N HIS A 88 18.86 9.54 1.64
CA HIS A 88 18.43 10.68 0.83
C HIS A 88 19.55 11.12 -0.10
N TYR A 89 20.77 11.08 0.43
CA TYR A 89 21.96 11.54 -0.25
C TYR A 89 23.02 10.47 -0.10
N GLU A 90 24.07 10.55 -0.91
CA GLU A 90 25.25 9.75 -0.69
C GLU A 90 25.79 10.05 0.74
N LEU A 91 26.21 9.01 1.44
CA LEU A 91 26.77 9.08 2.81
C LEU A 91 25.70 9.33 3.88
N ASP A 92 24.44 9.32 3.48
CA ASP A 92 23.36 9.47 4.44
C ASP A 92 22.78 8.09 4.77
N GLU A 93 22.67 7.77 6.06
CA GLU A 93 21.96 6.57 6.48
C GLU A 93 21.11 6.89 7.69
N ASN A 94 19.83 6.54 7.60
CA ASN A 94 18.88 6.73 8.67
C ASN A 94 17.77 5.70 8.56
N TYR A 95 17.59 4.90 9.60
CA TYR A 95 16.67 3.78 9.54
C TYR A 95 15.47 4.01 10.45
N PHE A 96 15.08 5.27 10.58
CA PHE A 96 13.94 5.63 11.39
C PHE A 96 12.96 6.60 10.69
N ARG A 97 13.03 6.68 9.37
CA ARG A 97 12.11 7.53 8.62
C ARG A 97 10.87 6.76 8.18
N GLY A 98 9.75 7.48 8.00
CA GLY A 98 8.54 6.87 7.49
C GLY A 98 7.84 5.97 8.50
N TYR A 99 7.05 5.02 8.01
CA TYR A 99 6.24 4.22 8.92
C TYR A 99 6.25 2.72 8.62
N GLU A 100 7.05 2.27 7.66
CA GLU A 100 7.06 0.85 7.33
C GLU A 100 7.81 0.05 8.39
N TRP A 101 8.85 0.64 9.00
CA TRP A 101 9.53 -0.01 10.11
C TRP A 101 8.53 -0.29 11.24
N TRP A 102 7.78 0.74 11.55
CA TRP A 102 6.79 0.68 12.61
C TRP A 102 5.71 -0.37 12.28
N LEU A 103 5.22 -0.34 11.05
CA LEU A 103 4.21 -1.29 10.61
C LEU A 103 4.68 -2.73 10.72
N MET A 104 5.89 -2.99 10.26
CA MET A 104 6.43 -4.34 10.35
C MET A 104 6.55 -4.82 11.80
N LYS A 105 6.89 -3.91 12.72
CA LYS A 105 7.05 -4.30 14.11
C LYS A 105 5.72 -4.59 14.77
N GLU A 106 4.71 -3.81 14.41
CA GLU A 106 3.37 -4.03 14.93
C GLU A 106 2.82 -5.36 14.42
N ALA A 107 3.16 -5.70 13.18
CA ALA A 107 2.71 -6.95 12.61
C ALA A 107 3.40 -8.13 13.29
N LYS A 108 4.71 -8.01 13.51
CA LYS A 108 5.47 -9.08 14.14
CA LYS A 108 5.49 -9.07 14.15
C LYS A 108 5.08 -9.30 15.60
N LYS A 109 4.64 -8.24 16.28
CA LYS A 109 4.20 -8.38 17.67
C LYS A 109 2.98 -9.26 17.76
N ARG A 110 2.06 -9.02 16.85
CA ARG A 110 0.82 -9.77 16.79
C ARG A 110 1.02 -11.16 16.24
N ASN A 111 1.93 -11.28 15.27
CA ASN A 111 2.20 -12.56 14.64
C ASN A 111 3.68 -12.70 14.32
N PRO A 112 4.44 -13.39 15.18
CA PRO A 112 5.88 -13.54 15.03
C PRO A 112 6.25 -14.35 13.81
N ASP A 113 5.32 -15.16 13.32
CA ASP A 113 5.59 -15.98 12.15
C ASP A 113 5.27 -15.29 10.84
N ILE A 114 4.86 -14.02 10.90
CA ILE A 114 4.50 -13.32 9.68
C ILE A 114 5.68 -13.23 8.71
N ILE A 115 5.37 -13.30 7.43
CA ILE A 115 6.39 -13.28 6.39
C ILE A 115 6.53 -11.87 5.85
N LEU A 116 7.75 -11.33 5.91
CA LEU A 116 8.04 -9.96 5.52
C LEU A 116 8.75 -9.85 4.18
N MET A 117 8.25 -8.97 3.31
CA MET A 117 8.88 -8.71 2.02
C MET A 117 9.15 -7.22 1.80
N GLY A 118 10.28 -6.91 1.18
CA GLY A 118 10.59 -5.56 0.75
C GLY A 118 10.77 -5.46 -0.76
N LEU A 119 10.36 -4.34 -1.34
CA LEU A 119 10.44 -4.09 -2.77
C LEU A 119 10.55 -2.60 -3.10
N PRO A 120 11.49 -2.20 -3.95
CA PRO A 120 11.53 -0.78 -4.32
C PRO A 120 10.58 -0.39 -5.47
N TRP A 121 10.04 0.83 -5.38
CA TRP A 121 9.29 1.45 -6.47
C TRP A 121 10.16 2.54 -7.12
N SER A 122 10.73 3.39 -6.28
CA SER A 122 11.61 4.44 -6.77
C SER A 122 12.94 4.35 -6.05
N PHE A 123 13.93 5.12 -6.50
CA PHE A 123 15.24 5.21 -5.86
C PHE A 123 15.66 6.67 -5.74
N PRO A 124 16.51 6.99 -4.75
CA PRO A 124 17.07 8.35 -4.73
C PRO A 124 17.91 8.64 -5.99
N GLY A 125 17.91 9.89 -6.43
CA GLY A 125 18.56 10.26 -7.68
C GLY A 125 20.05 10.02 -7.70
N TRP A 126 20.71 10.17 -6.56
CA TRP A 126 22.17 10.08 -6.54
C TRP A 126 22.64 8.69 -6.94
N LEU A 127 21.79 7.67 -6.80
CA LEU A 127 22.15 6.32 -7.27
C LEU A 127 22.32 6.21 -8.79
N GLY A 128 21.69 7.12 -9.53
CA GLY A 128 21.71 7.06 -10.97
C GLY A 128 22.98 7.64 -11.53
N LYS A 129 23.72 8.39 -10.70
CA LYS A 129 24.98 9.00 -11.13
C LYS A 129 24.83 9.86 -12.38
N GLY A 130 23.85 10.74 -12.40
CA GLY A 130 23.65 11.59 -13.57
C GLY A 130 22.50 11.15 -14.47
N PHE A 131 22.16 9.87 -14.43
CA PHE A 131 21.05 9.35 -15.21
C PHE A 131 19.92 8.94 -14.29
N SER A 132 18.74 8.76 -14.86
CA SER A 132 17.59 8.33 -14.07
C SER A 132 17.41 6.84 -14.27
N TRP A 133 18.44 6.07 -13.96
CA TRP A 133 18.42 4.64 -14.23
C TRP A 133 19.16 3.91 -13.12
N PRO A 134 18.50 2.92 -12.50
CA PRO A 134 19.07 2.23 -11.35
C PRO A 134 20.07 1.14 -11.71
N TYR A 135 20.33 0.93 -12.99
CA TYR A 135 21.24 -0.15 -13.39
C TYR A 135 22.53 0.40 -13.99
N VAL A 136 22.81 1.67 -13.76
CA VAL A 136 24.08 2.24 -14.18
C VAL A 136 25.24 1.60 -13.38
N ASN A 137 25.12 1.59 -12.06
CA ASN A 137 26.12 0.96 -11.21
C ASN A 137 25.42 -0.15 -10.40
N LEU A 138 25.56 -1.39 -10.86
CA LEU A 138 24.84 -2.50 -10.27
C LEU A 138 25.20 -2.69 -8.81
N GLN A 139 26.49 -2.57 -8.49
CA GLN A 139 26.93 -2.84 -7.15
C GLN A 139 26.35 -1.79 -6.19
N LEU A 140 26.26 -0.54 -6.65
CA LEU A 140 25.77 0.55 -5.83
C LEU A 140 24.30 0.38 -5.48
N THR A 141 23.48 0.08 -6.47
CA THR A 141 22.06 -0.15 -6.23
C THR A 141 21.84 -1.36 -5.30
N ALA A 142 22.60 -2.42 -5.50
CA ALA A 142 22.49 -3.58 -4.62
C ALA A 142 22.91 -3.20 -3.20
N TYR A 143 23.98 -2.41 -3.11
CA TYR A 143 24.48 -1.92 -1.82
C TYR A 143 23.40 -1.15 -1.06
N TYR A 144 22.73 -0.26 -1.78
CA TYR A 144 21.62 0.52 -1.26
C TYR A 144 20.51 -0.40 -0.72
N VAL A 145 20.12 -1.37 -1.52
CA VAL A 145 19.03 -2.25 -1.15
C VAL A 145 19.41 -3.14 0.03
N VAL A 146 20.61 -3.70 0.00
CA VAL A 146 21.04 -4.58 1.06
C VAL A 146 21.20 -3.84 2.39
N ARG A 147 21.63 -2.57 2.35
CA ARG A 147 21.71 -1.77 3.57
C ARG A 147 20.34 -1.70 4.26
N TRP A 148 19.27 -1.67 3.46
CA TRP A 148 17.93 -1.58 4.01
C TRP A 148 17.62 -2.85 4.77
N ILE A 149 18.02 -3.99 4.22
CA ILE A 149 17.72 -5.26 4.84
C ILE A 149 18.52 -5.40 6.13
N LEU A 150 19.78 -4.98 6.11
CA LEU A 150 20.61 -5.01 7.31
C LEU A 150 20.06 -4.12 8.42
N GLY A 151 19.58 -2.94 8.03
CA GLY A 151 19.09 -1.98 8.99
C GLY A 151 17.84 -2.48 9.67
N ALA A 152 16.97 -3.14 8.91
CA ALA A 152 15.77 -3.75 9.45
C ALA A 152 16.13 -4.71 10.60
N LYS A 153 17.23 -5.45 10.43
CA LYS A 153 17.69 -6.36 11.46
C LYS A 153 18.34 -5.63 12.62
N HIS A 154 19.28 -4.74 12.33
CA HIS A 154 20.09 -4.14 13.37
C HIS A 154 19.33 -3.11 14.20
N TYR A 155 18.36 -2.43 13.59
CA TYR A 155 17.66 -1.38 14.33
C TYR A 155 16.27 -1.76 14.80
N HIS A 156 15.64 -2.76 14.17
CA HIS A 156 14.27 -3.09 14.54
C HIS A 156 14.07 -4.57 14.82
N ASP A 157 15.14 -5.34 14.71
CA ASP A 157 15.10 -6.77 14.98
C ASP A 157 14.17 -7.49 14.00
N LEU A 158 14.10 -7.00 12.77
CA LEU A 158 13.28 -7.60 11.73
C LEU A 158 14.09 -8.42 10.76
N ASP A 159 13.68 -9.66 10.56
CA ASP A 159 14.22 -10.49 9.48
C ASP A 159 13.38 -10.35 8.21
N ILE A 160 13.95 -9.77 7.18
CA ILE A 160 13.25 -9.68 5.90
C ILE A 160 13.35 -11.02 5.16
N ASP A 161 12.20 -11.53 4.74
CA ASP A 161 12.14 -12.85 4.12
C ASP A 161 12.36 -12.80 2.62
N TYR A 162 11.77 -11.81 1.93
CA TYR A 162 11.90 -11.76 0.49
C TYR A 162 12.28 -10.37 0.04
N ILE A 163 13.16 -10.30 -0.96
CA ILE A 163 13.53 -9.04 -1.57
C ILE A 163 13.20 -9.11 -3.08
N GLY A 164 12.61 -8.03 -3.59
CA GLY A 164 12.22 -7.97 -4.98
C GLY A 164 13.16 -7.05 -5.77
N ILE A 165 12.80 -6.75 -7.02
CA ILE A 165 13.72 -6.04 -7.90
C ILE A 165 13.31 -4.58 -8.13
N TRP A 166 12.35 -4.33 -9.03
CA TRP A 166 11.90 -2.98 -9.31
C TRP A 166 10.45 -3.03 -9.80
N ASN A 167 9.54 -2.56 -8.96
CA ASN A 167 8.09 -2.77 -9.16
C ASN A 167 7.56 -2.36 -10.52
N GLU A 168 7.11 -3.37 -11.29
CA GLU A 168 6.47 -3.15 -12.59
C GLU A 168 7.37 -2.36 -13.52
N ARG A 169 8.68 -2.58 -13.37
CA ARG A 169 9.69 -1.91 -14.16
C ARG A 169 10.67 -2.98 -14.62
N PRO A 170 11.45 -2.69 -15.67
CA PRO A 170 12.36 -3.71 -16.19
C PRO A 170 13.36 -4.21 -15.15
N PHE A 171 13.72 -5.48 -15.27
CA PHE A 171 14.76 -6.04 -14.44
C PHE A 171 16.02 -6.13 -15.27
N ASP A 172 17.13 -6.32 -14.59
CA ASP A 172 18.41 -6.50 -15.23
C ASP A 172 18.99 -7.77 -14.63
N ALA A 173 19.29 -8.75 -15.48
CA ALA A 173 19.69 -10.07 -15.00
C ALA A 173 20.99 -10.00 -14.21
N ASN A 174 21.89 -9.15 -14.67
CA ASN A 174 23.16 -8.96 -13.97
C ASN A 174 22.95 -8.30 -12.62
N TYR A 175 21.97 -7.40 -12.53
CA TYR A 175 21.59 -6.85 -11.23
C TYR A 175 21.14 -7.93 -10.27
N ILE A 176 20.24 -8.81 -10.72
CA ILE A 176 19.70 -9.86 -9.85
C ILE A 176 20.84 -10.75 -9.35
N LYS A 177 21.79 -11.06 -10.23
CA LYS A 177 22.94 -11.88 -9.83
C LYS A 177 23.84 -11.14 -8.83
N GLU A 178 24.03 -9.84 -9.01
CA GLU A 178 24.84 -9.04 -8.10
CA GLU A 178 24.85 -9.07 -8.09
C GLU A 178 24.16 -8.90 -6.73
N LEU A 179 22.84 -8.71 -6.73
CA LEU A 179 22.09 -8.65 -5.49
C LEU A 179 22.24 -9.95 -4.69
N ARG A 180 22.15 -11.11 -5.34
CA ARG A 180 22.39 -12.38 -4.66
C ARG A 180 23.82 -12.47 -4.08
N LYS A 181 24.80 -12.14 -4.90
CA LYS A 181 26.19 -12.10 -4.46
C LYS A 181 26.39 -11.18 -3.26
N MET A 182 25.72 -10.04 -3.28
CA MET A 182 25.85 -9.03 -2.22
C MET A 182 25.18 -9.49 -0.91
N LEU A 183 23.96 -10.01 -1.02
CA LEU A 183 23.27 -10.62 0.11
C LEU A 183 24.13 -11.65 0.85
N ASP A 184 24.67 -12.60 0.07
CA ASP A 184 25.50 -13.65 0.62
C ASP A 184 26.72 -13.06 1.34
N TYR A 185 27.31 -12.05 0.73
CA TYR A 185 28.51 -11.41 1.25
C TYR A 185 28.25 -10.77 2.62
N GLN A 186 27.02 -10.29 2.81
CA GLN A 186 26.63 -9.68 4.07
C GLN A 186 26.00 -10.68 5.04
N GLY A 187 26.18 -11.97 4.79
CA GLY A 187 25.61 -12.97 5.68
C GLY A 187 24.09 -13.14 5.58
N LEU A 188 23.51 -12.70 4.49
CA LEU A 188 22.06 -12.76 4.29
C LEU A 188 21.62 -13.87 3.32
N GLN A 189 22.30 -15.02 3.40
CA GLN A 189 21.95 -16.18 2.58
C GLN A 189 20.49 -16.60 2.77
N ARG A 190 19.97 -16.38 3.96
CA ARG A 190 18.60 -16.72 4.28
C ARG A 190 17.56 -15.92 3.48
N VAL A 191 17.93 -14.74 3.02
CA VAL A 191 16.97 -13.92 2.29
C VAL A 191 16.75 -14.47 0.89
N ARG A 192 15.49 -14.60 0.50
CA ARG A 192 15.16 -15.10 -0.82
C ARG A 192 14.80 -13.97 -1.78
N ILE A 193 14.95 -14.24 -3.07
CA ILE A 193 14.68 -13.25 -4.11
C ILE A 193 13.45 -13.59 -4.95
N ILE A 194 12.59 -12.59 -5.13
CA ILE A 194 11.42 -12.77 -5.96
C ILE A 194 11.52 -11.82 -7.16
N ALA A 195 11.13 -12.31 -8.33
CA ALA A 195 11.22 -11.53 -9.55
C ALA A 195 10.07 -11.83 -10.51
N SER A 196 9.67 -10.86 -11.33
CA SER A 196 10.25 -9.52 -11.30
C SER A 196 9.18 -8.50 -10.99
N ASP A 197 8.10 -8.94 -10.35
CA ASP A 197 7.01 -8.08 -9.96
C ASP A 197 6.47 -7.26 -11.12
N ASN A 198 6.24 -7.94 -12.23
CA ASN A 198 5.68 -7.31 -13.41
C ASN A 198 4.85 -8.39 -14.12
N LEU A 199 5.10 -8.63 -15.41
CA LEU A 199 4.40 -9.70 -16.12
C LEU A 199 5.17 -11.00 -15.97
N TRP A 200 4.58 -12.09 -16.49
CA TRP A 200 5.26 -13.39 -16.51
C TRP A 200 6.50 -13.37 -17.38
N GLU A 201 6.48 -12.55 -18.44
CA GLU A 201 7.62 -12.42 -19.33
C GLU A 201 8.15 -11.01 -19.21
N PRO A 202 9.48 -10.83 -19.39
CA PRO A 202 10.41 -11.86 -19.82
C PRO A 202 11.10 -12.66 -18.71
N ILE A 203 10.67 -12.55 -17.45
CA ILE A 203 11.40 -13.25 -16.39
C ILE A 203 11.33 -14.77 -16.57
N SER A 204 10.17 -15.29 -16.96
CA SER A 204 10.00 -16.74 -17.06
C SER A 204 10.87 -17.41 -18.12
N SER A 205 10.91 -16.86 -19.33
CA SER A 205 11.78 -17.43 -20.36
C SER A 205 13.25 -17.26 -19.99
N SER A 206 13.60 -16.12 -19.39
CA SER A 206 14.98 -15.87 -18.98
C SER A 206 15.51 -16.93 -18.04
N LEU A 207 14.64 -17.46 -17.18
CA LEU A 207 15.04 -18.50 -16.26
C LEU A 207 15.30 -19.85 -16.95
N LEU A 208 14.61 -20.11 -18.06
CA LEU A 208 14.79 -21.37 -18.78
C LEU A 208 16.07 -21.36 -19.61
N LEU A 209 16.52 -20.18 -19.96
CA LEU A 209 17.64 -20.01 -20.86
C LEU A 209 18.96 -19.80 -20.11
N ASP A 210 18.86 -19.43 -18.84
CA ASP A 210 20.02 -18.98 -18.07
C ASP A 210 20.05 -19.70 -16.73
N GLN A 211 20.86 -20.74 -16.66
CA GLN A 211 21.01 -21.53 -15.43
C GLN A 211 21.43 -20.70 -14.22
N GLU A 212 22.28 -19.71 -14.44
CA GLU A 212 22.78 -18.89 -13.35
C GLU A 212 21.68 -18.00 -12.78
N LEU A 213 20.82 -17.50 -13.64
CA LEU A 213 19.68 -16.69 -13.21
C LEU A 213 18.69 -17.58 -12.44
N TRP A 214 18.41 -18.75 -13.01
CA TRP A 214 17.51 -19.73 -12.38
C TRP A 214 17.94 -20.06 -10.96
N LYS A 215 19.23 -20.25 -10.73
CA LYS A 215 19.72 -20.56 -9.38
C LYS A 215 19.51 -19.43 -8.35
N VAL A 216 19.47 -18.17 -8.78
CA VAL A 216 19.39 -17.07 -7.84
C VAL A 216 17.97 -16.53 -7.65
N VAL A 217 17.01 -16.91 -8.49
CA VAL A 217 15.62 -16.50 -8.29
C VAL A 217 14.81 -17.59 -7.58
N ASP A 218 14.20 -17.29 -6.45
CA ASP A 218 13.46 -18.31 -5.72
C ASP A 218 11.98 -18.33 -6.07
N VAL A 219 11.42 -17.17 -6.39
CA VAL A 219 9.99 -17.07 -6.63
C VAL A 219 9.70 -16.22 -7.86
N ILE A 220 8.81 -16.68 -8.72
CA ILE A 220 8.30 -15.81 -9.76
C ILE A 220 7.03 -15.15 -9.29
N GLY A 221 7.08 -13.84 -9.09
CA GLY A 221 5.92 -13.08 -8.69
C GLY A 221 5.42 -12.25 -9.87
N ALA A 222 4.14 -12.41 -10.20
CA ALA A 222 3.53 -11.70 -11.31
C ALA A 222 2.39 -10.82 -10.79
N HIS A 223 2.12 -9.74 -11.51
CA HIS A 223 1.09 -8.78 -11.12
C HIS A 223 -0.17 -8.90 -11.96
N TYR A 224 -1.31 -8.94 -11.28
CA TYR A 224 -2.63 -8.96 -11.92
C TYR A 224 -2.76 -9.97 -13.05
N PRO A 225 -2.52 -11.26 -12.72
CA PRO A 225 -2.43 -12.30 -13.74
C PRO A 225 -3.77 -12.82 -14.22
N GLY A 226 -4.87 -12.35 -13.65
CA GLY A 226 -6.18 -12.82 -14.09
C GLY A 226 -6.39 -14.29 -13.79
N THR A 227 -5.77 -14.77 -12.72
CA THR A 227 -5.83 -16.15 -12.20
C THR A 227 -5.07 -17.16 -13.07
N TYR A 228 -4.47 -16.70 -14.16
CA TYR A 228 -3.74 -17.61 -15.04
C TYR A 228 -2.23 -17.40 -14.98
N THR A 229 -1.47 -18.43 -15.36
CA THR A 229 -0.02 -18.27 -15.54
C THR A 229 0.35 -18.59 -17.00
N VAL A 230 1.61 -18.94 -17.27
CA VAL A 230 2.05 -19.28 -18.62
C VAL A 230 2.95 -20.50 -18.56
N TRP A 231 3.12 -21.15 -19.71
CA TRP A 231 3.84 -22.41 -19.78
C TRP A 231 5.28 -22.30 -19.28
N ASN A 232 6.01 -21.26 -19.69
CA ASN A 232 7.39 -21.10 -19.23
C ASN A 232 7.50 -21.05 -17.70
N ALA A 233 6.55 -20.40 -17.04
CA ALA A 233 6.58 -20.34 -15.58
C ALA A 233 6.32 -21.70 -14.94
N LYS A 234 5.38 -22.47 -15.48
CA LYS A 234 5.18 -23.86 -15.01
C LYS A 234 6.45 -24.69 -15.19
N MET A 235 7.10 -24.52 -16.34
CA MET A 235 8.31 -25.26 -16.66
C MET A 235 9.46 -24.99 -15.70
N SER A 236 9.56 -23.76 -15.21
CA SER A 236 10.68 -23.35 -14.35
C SER A 236 10.74 -24.17 -13.07
N GLY A 237 9.59 -24.69 -12.65
CA GLY A 237 9.51 -25.40 -11.40
C GLY A 237 9.63 -24.48 -10.18
N LYS A 238 9.56 -23.17 -10.40
CA LYS A 238 9.61 -22.23 -9.28
C LYS A 238 8.24 -22.05 -8.66
N LYS A 239 8.21 -21.64 -7.41
CA LYS A 239 7.00 -21.13 -6.81
C LYS A 239 6.49 -19.93 -7.63
N LEU A 240 5.17 -19.88 -7.82
CA LEU A 240 4.54 -18.81 -8.58
C LEU A 240 3.57 -18.11 -7.67
N TRP A 241 3.71 -16.79 -7.55
CA TRP A 241 2.85 -16.00 -6.69
C TRP A 241 2.16 -14.93 -7.49
N SER A 242 0.94 -14.59 -7.09
CA SER A 242 0.34 -13.34 -7.50
C SER A 242 0.84 -12.29 -6.52
N SER A 243 1.97 -11.69 -6.82
CA SER A 243 2.65 -10.83 -5.84
C SER A 243 2.01 -9.44 -5.75
N GLU A 244 1.06 -9.17 -6.63
CA GLU A 244 0.19 -8.02 -6.50
C GLU A 244 -1.11 -8.24 -7.24
N ASP A 245 -2.22 -8.07 -6.53
CA ASP A 245 -3.55 -8.29 -7.09
C ASP A 245 -4.54 -7.39 -6.35
N PHE A 246 -5.84 -7.62 -6.58
CA PHE A 246 -6.92 -6.87 -5.93
C PHE A 246 -7.00 -5.43 -6.45
N SER A 247 -6.49 -4.46 -5.69
CA SER A 247 -6.50 -3.05 -6.12
C SER A 247 -7.90 -2.54 -6.53
N THR A 248 -8.93 -3.02 -5.83
CA THR A 248 -10.31 -2.66 -6.15
C THR A 248 -10.99 -2.09 -4.90
N ILE A 249 -11.94 -1.18 -5.10
CA ILE A 249 -12.69 -0.58 -3.99
C ILE A 249 -13.27 -1.62 -3.03
N ASN A 250 -13.11 -1.42 -1.73
CA ASN A 250 -13.45 -2.48 -0.77
C ASN A 250 -14.92 -2.54 -0.39
N SER A 251 -15.79 -2.34 -1.39
CA SER A 251 -17.22 -2.61 -1.23
C SER A 251 -17.43 -4.12 -1.31
N ASN A 252 -18.69 -4.55 -1.31
CA ASN A 252 -18.96 -5.99 -1.40
C ASN A 252 -18.46 -6.58 -2.73
N VAL A 253 -18.37 -5.76 -3.77
CA VAL A 253 -17.91 -6.26 -5.06
C VAL A 253 -16.40 -6.47 -5.09
N GLY A 254 -15.67 -5.67 -4.31
CA GLY A 254 -14.24 -5.87 -4.16
C GLY A 254 -13.99 -7.11 -3.34
N ALA A 255 -14.83 -7.33 -2.34
CA ALA A 255 -14.71 -8.52 -1.52
C ALA A 255 -14.98 -9.76 -2.37
N GLY A 256 -15.90 -9.63 -3.32
CA GLY A 256 -16.20 -10.73 -4.23
C GLY A 256 -15.01 -11.07 -5.11
N CYS A 257 -14.41 -10.03 -5.68
CA CYS A 257 -13.22 -10.17 -6.51
C CYS A 257 -12.13 -10.90 -5.76
N TRP A 258 -11.91 -10.47 -4.52
CA TRP A 258 -10.87 -10.99 -3.64
C TRP A 258 -11.20 -12.44 -3.30
N SER A 259 -12.47 -12.74 -3.10
CA SER A 259 -12.86 -14.09 -2.72
C SER A 259 -12.61 -15.09 -3.84
N ARG A 260 -13.04 -14.71 -5.04
CA ARG A 260 -12.89 -15.54 -6.22
C ARG A 260 -11.44 -15.85 -6.58
N ILE A 261 -10.59 -14.82 -6.57
CA ILE A 261 -9.21 -14.98 -7.02
C ILE A 261 -8.35 -15.67 -5.97
N LEU A 262 -8.69 -15.53 -4.68
CA LEU A 262 -7.97 -16.27 -3.65
C LEU A 262 -8.04 -17.76 -3.96
N ASN A 263 -9.21 -18.24 -4.37
CA ASN A 263 -9.36 -19.64 -4.78
C ASN A 263 -8.73 -19.93 -6.14
N GLN A 264 -9.11 -19.15 -7.15
CA GLN A 264 -8.80 -19.53 -8.51
C GLN A 264 -7.40 -19.16 -9.02
N ASN A 265 -6.63 -18.37 -8.26
CA ASN A 265 -5.23 -18.18 -8.58
C ASN A 265 -4.45 -19.49 -8.50
N TYR A 266 -4.82 -20.34 -7.54
CA TYR A 266 -4.17 -21.63 -7.46
C TYR A 266 -4.78 -22.61 -8.46
N ILE A 267 -6.11 -22.62 -8.54
CA ILE A 267 -6.78 -23.58 -9.38
C ILE A 267 -6.45 -23.38 -10.87
N ASN A 268 -6.46 -22.15 -11.35
CA ASN A 268 -6.22 -21.90 -12.77
C ASN A 268 -4.78 -21.59 -13.08
N GLY A 269 -4.02 -21.15 -12.09
CA GLY A 269 -2.70 -20.61 -12.37
C GLY A 269 -1.56 -21.16 -11.54
N ASN A 270 -1.80 -22.17 -10.72
CA ASN A 270 -0.77 -22.78 -9.89
C ASN A 270 -0.10 -21.83 -8.92
N MET A 271 -0.74 -20.69 -8.66
CA MET A 271 -0.14 -19.70 -7.79
C MET A 271 -0.42 -20.03 -6.35
N THR A 272 0.64 -20.13 -5.55
CA THR A 272 0.49 -20.60 -4.17
C THR A 272 0.54 -19.48 -3.15
N SER A 273 0.45 -18.25 -3.64
CA SER A 273 0.29 -17.10 -2.76
C SER A 273 -0.36 -15.96 -3.53
N THR A 274 -1.20 -15.19 -2.86
CA THR A 274 -1.78 -13.99 -3.44
C THR A 274 -1.62 -12.83 -2.44
N ILE A 275 -1.19 -11.67 -2.95
CA ILE A 275 -0.92 -10.50 -2.11
C ILE A 275 -1.67 -9.30 -2.65
N ALA A 276 -2.54 -8.73 -1.82
CA ALA A 276 -3.37 -7.60 -2.25
C ALA A 276 -2.68 -6.25 -2.10
N TRP A 277 -2.79 -5.43 -3.14
CA TRP A 277 -2.59 -4.00 -3.00
C TRP A 277 -3.97 -3.39 -2.76
N ASN A 278 -4.21 -2.76 -1.61
CA ASN A 278 -3.22 -2.52 -0.56
C ASN A 278 -3.73 -3.01 0.79
N LEU A 279 -2.89 -2.93 1.81
CA LEU A 279 -3.20 -3.45 3.14
C LEU A 279 -4.38 -2.77 3.81
N VAL A 280 -4.35 -1.45 3.85
CA VAL A 280 -5.41 -0.67 4.47
C VAL A 280 -5.49 0.69 3.80
N ALA A 281 -6.69 1.16 3.49
CA ALA A 281 -6.83 2.47 2.88
C ALA A 281 -6.67 3.58 3.93
N SER A 282 -5.42 3.96 4.21
CA SER A 282 -5.13 5.11 5.07
C SER A 282 -4.50 6.23 4.26
N TYR A 283 -5.22 6.67 3.25
CA TYR A 283 -4.78 7.79 2.42
C TYR A 283 -6.06 8.48 1.94
N TYR A 284 -5.98 9.77 1.64
CA TYR A 284 -7.16 10.52 1.21
C TYR A 284 -7.86 9.87 0.02
N GLU A 285 -9.18 9.73 0.11
CA GLU A 285 -9.95 8.94 -0.86
C GLU A 285 -9.92 9.49 -2.28
N GLU A 286 -9.64 10.78 -2.40
CA GLU A 286 -9.65 11.47 -3.67
C GLU A 286 -8.30 11.35 -4.38
N LEU A 287 -7.35 10.72 -3.70
CA LEU A 287 -6.11 10.28 -4.31
C LEU A 287 -6.42 9.04 -5.15
N PRO A 288 -5.54 8.70 -6.12
CA PRO A 288 -5.80 7.58 -7.03
C PRO A 288 -6.10 6.27 -6.34
N TYR A 289 -7.11 5.56 -6.84
CA TYR A 289 -7.53 4.27 -6.31
C TYR A 289 -7.98 4.38 -4.84
N GLY A 290 -8.72 5.43 -4.53
CA GLY A 290 -9.22 5.61 -3.17
C GLY A 290 -9.99 4.42 -2.64
N ARG A 291 -9.75 4.08 -1.38
CA ARG A 291 -10.49 3.04 -0.66
C ARG A 291 -10.30 1.65 -1.27
N SER A 292 -9.07 1.37 -1.70
CA SER A 292 -8.72 0.08 -2.28
C SER A 292 -7.81 -0.75 -1.38
N GLY A 293 -8.12 -0.76 -0.08
CA GLY A 293 -7.43 -1.61 0.86
C GLY A 293 -8.36 -2.67 1.40
N LEU A 294 -7.84 -3.63 2.15
CA LEU A 294 -8.67 -4.67 2.72
C LEU A 294 -9.67 -4.08 3.72
N MET A 295 -9.30 -2.96 4.33
CA MET A 295 -10.23 -2.17 5.11
C MET A 295 -9.90 -0.70 4.97
N THR A 296 -10.65 0.14 5.69
CA THR A 296 -10.56 1.58 5.57
C THR A 296 -10.23 2.24 6.91
N ALA A 297 -9.18 3.07 6.91
CA ALA A 297 -8.86 3.88 8.08
C ALA A 297 -8.28 5.21 7.63
N GLN A 298 -9.15 6.11 7.19
CA GLN A 298 -8.70 7.34 6.54
C GLN A 298 -9.11 8.60 7.33
N GLU A 299 -9.31 8.46 8.63
CA GLU A 299 -9.71 9.58 9.47
C GLU A 299 -9.07 9.53 10.86
N PRO A 300 -7.75 9.73 10.94
CA PRO A 300 -7.09 9.71 12.25
C PRO A 300 -7.59 10.80 13.21
N TRP A 301 -8.12 11.89 12.68
CA TRP A 301 -8.63 12.97 13.53
C TRP A 301 -9.92 12.60 14.26
N SER A 302 -10.72 11.72 13.68
CA SER A 302 -11.99 11.32 14.28
C SER A 302 -11.92 9.95 14.94
N GLY A 303 -11.03 9.10 14.44
CA GLY A 303 -10.85 7.76 14.98
C GLY A 303 -11.71 6.74 14.26
N HIS A 304 -12.55 7.23 13.34
CA HIS A 304 -13.43 6.38 12.56
C HIS A 304 -12.66 5.49 11.57
N TYR A 305 -12.97 4.21 11.59
CA TYR A 305 -12.44 3.28 10.60
C TYR A 305 -13.53 2.29 10.22
N VAL A 306 -13.42 1.69 9.04
CA VAL A 306 -14.41 0.71 8.58
C VAL A 306 -13.78 -0.65 8.35
N VAL A 307 -14.24 -1.66 9.08
CA VAL A 307 -13.82 -3.04 8.84
C VAL A 307 -14.58 -3.60 7.65
N ALA A 308 -14.01 -3.49 6.45
CA ALA A 308 -14.76 -3.77 5.23
C ALA A 308 -14.85 -5.27 4.94
N SER A 309 -15.80 -5.65 4.08
CA SER A 309 -16.01 -7.04 3.70
C SER A 309 -14.73 -7.85 3.37
N PRO A 310 -13.74 -7.22 2.68
CA PRO A 310 -12.55 -8.03 2.35
C PRO A 310 -11.83 -8.62 3.54
N ILE A 311 -11.86 -7.94 4.68
CA ILE A 311 -11.30 -8.47 5.91
C ILE A 311 -11.81 -9.87 6.22
N TRP A 312 -13.12 -10.09 6.11
CA TRP A 312 -13.69 -11.39 6.45
C TRP A 312 -13.53 -12.41 5.33
N VAL A 313 -13.52 -11.94 4.09
CA VAL A 313 -13.20 -12.81 2.96
C VAL A 313 -11.84 -13.47 3.19
N SER A 314 -10.87 -12.68 3.63
CA SER A 314 -9.53 -13.16 3.93
C SER A 314 -9.54 -14.24 4.99
N ALA A 315 -10.26 -13.96 6.07
CA ALA A 315 -10.36 -14.86 7.21
C ALA A 315 -10.78 -16.27 6.82
N HIS A 316 -11.64 -16.38 5.80
CA HIS A 316 -12.10 -17.67 5.33
C HIS A 316 -10.94 -18.55 4.88
N THR A 317 -9.84 -17.92 4.49
CA THR A 317 -8.65 -18.67 4.15
C THR A 317 -7.59 -18.59 5.25
N THR A 318 -7.29 -17.38 5.70
CA THR A 318 -6.14 -17.17 6.58
C THR A 318 -6.28 -17.75 7.99
N GLN A 319 -7.49 -17.73 8.54
CA GLN A 319 -7.69 -18.29 9.88
C GLN A 319 -7.60 -19.81 9.88
N PHE A 320 -7.70 -20.43 8.70
CA PHE A 320 -7.77 -21.88 8.65
C PHE A 320 -6.69 -22.50 7.76
N THR A 321 -5.71 -21.69 7.36
CA THR A 321 -4.55 -22.18 6.63
C THR A 321 -3.31 -21.51 7.17
N GLN A 322 -2.17 -22.17 7.04
CA GLN A 322 -0.89 -21.53 7.33
C GLN A 322 0.14 -21.84 6.26
N PRO A 323 1.10 -20.92 6.05
CA PRO A 323 2.21 -21.24 5.17
C PRO A 323 2.83 -22.58 5.54
N GLY A 324 2.99 -23.47 4.58
CA GLY A 324 3.56 -24.76 4.89
C GLY A 324 2.55 -25.90 4.80
N TRP A 325 1.26 -25.55 4.86
CA TRP A 325 0.21 -26.47 4.44
C TRP A 325 0.36 -26.78 2.96
N TYR A 326 -0.27 -27.87 2.52
CA TYR A 326 -0.28 -28.25 1.11
C TYR A 326 -1.69 -28.25 0.53
N TYR A 327 -1.82 -27.82 -0.73
CA TYR A 327 -3.07 -28.00 -1.46
C TYR A 327 -3.26 -29.46 -1.80
N LEU A 328 -4.50 -29.93 -1.76
CA LEU A 328 -4.81 -31.26 -2.29
C LEU A 328 -4.69 -31.23 -3.81
N LYS A 329 -4.43 -32.38 -4.40
CA LYS A 329 -4.48 -32.49 -5.85
C LYS A 329 -5.91 -32.22 -6.33
N THR A 330 -6.87 -32.59 -5.50
CA THR A 330 -8.29 -32.49 -5.85
C THR A 330 -8.92 -31.14 -5.51
N VAL A 331 -8.66 -30.16 -6.37
CA VAL A 331 -9.31 -28.86 -6.31
C VAL A 331 -9.90 -28.60 -7.70
N GLY A 332 -10.88 -27.72 -7.81
CA GLY A 332 -11.45 -27.46 -9.12
C GLY A 332 -12.64 -26.53 -9.14
N HIS A 333 -13.29 -26.47 -10.29
CA HIS A 333 -14.50 -25.68 -10.46
C HIS A 333 -15.77 -26.48 -10.14
N LEU A 334 -16.83 -25.77 -9.79
CA LEU A 334 -18.13 -26.40 -9.55
C LEU A 334 -18.90 -26.46 -10.84
N GLU A 335 -19.82 -27.40 -10.95
CA GLU A 335 -20.49 -27.68 -12.22
C GLU A 335 -21.25 -26.48 -12.75
N LYS A 336 -21.84 -25.70 -11.85
CA LYS A 336 -22.71 -24.59 -12.24
C LYS A 336 -22.15 -23.23 -11.82
N GLY A 337 -20.83 -23.14 -11.64
CA GLY A 337 -20.17 -21.90 -11.31
C GLY A 337 -19.54 -21.91 -9.93
N GLY A 338 -18.45 -21.15 -9.78
CA GLY A 338 -17.72 -21.12 -8.52
C GLY A 338 -16.68 -22.22 -8.45
N SER A 339 -15.98 -22.29 -7.31
CA SER A 339 -14.83 -23.16 -7.19
C SER A 339 -14.62 -23.66 -5.77
N TYR A 340 -13.66 -24.58 -5.61
CA TYR A 340 -13.33 -25.11 -4.29
C TYR A 340 -11.86 -25.47 -4.23
N VAL A 341 -11.23 -25.17 -3.10
CA VAL A 341 -9.89 -25.66 -2.84
C VAL A 341 -9.89 -26.40 -1.50
N ALA A 342 -8.85 -27.20 -1.28
CA ALA A 342 -8.74 -27.98 -0.05
C ALA A 342 -7.28 -28.12 0.34
N LEU A 343 -7.02 -28.08 1.63
CA LEU A 343 -5.66 -28.08 2.13
C LEU A 343 -5.53 -28.91 3.38
N THR A 344 -4.35 -29.47 3.59
CA THR A 344 -4.07 -30.19 4.83
C THR A 344 -2.73 -29.73 5.38
N ASP A 345 -2.50 -30.01 6.65
CA ASP A 345 -1.24 -29.67 7.30
C ASP A 345 -0.35 -30.89 7.49
N GLY A 346 -0.83 -32.06 7.06
CA GLY A 346 -0.10 -33.30 7.27
C GLY A 346 -0.16 -33.78 8.71
N LEU A 347 -1.08 -33.23 9.50
CA LEU A 347 -1.23 -33.64 10.90
C LEU A 347 -2.64 -34.13 11.19
N GLY A 348 -3.44 -34.23 10.13
CA GLY A 348 -4.80 -34.69 10.29
C GLY A 348 -5.84 -33.61 10.10
N ASN A 349 -5.39 -32.37 9.89
CA ASN A 349 -6.33 -31.30 9.65
C ASN A 349 -6.67 -31.14 8.18
N LEU A 350 -7.86 -30.60 7.93
CA LEU A 350 -8.33 -30.40 6.56
C LEU A 350 -9.20 -29.17 6.50
N THR A 351 -8.91 -28.28 5.54
CA THR A 351 -9.69 -27.09 5.32
C THR A 351 -10.23 -27.08 3.91
N ILE A 352 -11.51 -26.78 3.77
CA ILE A 352 -12.17 -26.74 2.47
C ILE A 352 -12.78 -25.36 2.29
N ILE A 353 -12.40 -24.69 1.21
CA ILE A 353 -12.86 -23.32 0.98
C ILE A 353 -13.64 -23.22 -0.31
N ILE A 354 -14.91 -22.84 -0.21
CA ILE A 354 -15.82 -22.83 -1.34
C ILE A 354 -16.38 -21.44 -1.62
N GLU A 355 -16.37 -21.06 -2.90
CA GLU A 355 -16.76 -19.72 -3.34
C GLU A 355 -17.70 -19.83 -4.55
N THR A 356 -18.79 -19.06 -4.54
CA THR A 356 -19.68 -19.05 -5.69
C THR A 356 -19.95 -17.63 -6.18
N MET A 357 -18.91 -16.82 -6.25
CA MET A 357 -19.05 -15.42 -6.62
C MET A 357 -19.59 -15.25 -8.03
N SER A 358 -20.66 -14.47 -8.16
CA SER A 358 -21.25 -14.23 -9.47
C SER A 358 -20.41 -13.20 -10.22
N HIS A 359 -20.63 -13.11 -11.51
CA HIS A 359 -19.87 -12.20 -12.32
C HIS A 359 -20.16 -10.76 -11.94
N GLN A 360 -21.44 -10.46 -11.77
CA GLN A 360 -21.88 -9.10 -11.54
C GLN A 360 -21.36 -8.54 -10.22
N HIS A 361 -20.93 -9.41 -9.32
CA HIS A 361 -20.54 -8.98 -7.98
C HIS A 361 -19.12 -9.37 -7.61
N SER A 362 -18.25 -9.54 -8.59
CA SER A 362 -16.87 -9.89 -8.29
C SER A 362 -15.90 -9.32 -9.31
N MET A 363 -16.30 -8.27 -10.01
CA MET A 363 -15.46 -7.66 -11.03
C MET A 363 -14.22 -7.02 -10.41
N CYS A 364 -13.04 -7.42 -10.89
CA CYS A 364 -11.81 -6.74 -10.51
C CYS A 364 -11.53 -5.66 -11.56
N ILE A 365 -10.72 -4.69 -11.19
CA ILE A 365 -10.37 -3.67 -12.17
C ILE A 365 -9.39 -4.23 -13.20
N ARG A 366 -8.62 -5.25 -12.83
CA ARG A 366 -7.57 -5.75 -13.72
C ARG A 366 -7.32 -7.26 -13.58
N PRO A 367 -7.85 -8.07 -14.51
CA PRO A 367 -8.66 -7.71 -15.67
C PRO A 367 -10.16 -7.77 -15.40
N TYR A 368 -10.94 -7.34 -16.37
CA TYR A 368 -12.39 -7.50 -16.35
C TYR A 368 -12.75 -8.79 -17.08
N LEU A 369 -13.41 -9.70 -16.38
CA LEU A 369 -13.77 -11.02 -16.92
C LEU A 369 -15.00 -10.99 -17.80
N PRO A 370 -14.95 -11.67 -18.96
CA PRO A 370 -16.16 -11.88 -19.76
C PRO A 370 -17.22 -12.60 -18.91
N TYR A 371 -18.48 -12.28 -19.15
CA TYR A 371 -19.57 -12.83 -18.34
C TYR A 371 -19.48 -14.34 -18.19
N TYR A 372 -19.86 -14.82 -17.01
CA TYR A 372 -19.96 -16.25 -16.74
C TYR A 372 -21.16 -16.46 -15.82
N ASN A 373 -21.86 -17.56 -16.06
CA ASN A 373 -23.08 -17.86 -15.37
C ASN A 373 -22.74 -18.51 -14.02
N VAL A 374 -23.50 -18.17 -12.97
CA VAL A 374 -23.48 -18.89 -11.70
C VAL A 374 -24.90 -19.06 -11.21
N SER A 375 -25.32 -20.29 -10.94
CA SER A 375 -26.67 -20.52 -10.45
C SER A 375 -26.68 -21.55 -9.32
N HIS A 376 -27.86 -21.78 -8.74
CA HIS A 376 -28.00 -22.64 -7.56
C HIS A 376 -27.59 -24.08 -7.87
N GLN A 377 -26.91 -24.72 -6.94
CA GLN A 377 -26.46 -26.08 -7.18
C GLN A 377 -26.29 -26.88 -5.91
N LEU A 378 -26.14 -28.19 -6.08
CA LEU A 378 -25.85 -29.10 -4.99
C LEU A 378 -24.43 -29.61 -5.14
N ALA A 379 -23.69 -29.61 -4.05
CA ALA A 379 -22.35 -30.15 -4.11
C ALA A 379 -22.19 -31.30 -3.13
N THR A 380 -21.84 -32.47 -3.64
CA THR A 380 -21.56 -33.60 -2.78
C THR A 380 -20.06 -33.78 -2.66
N PHE A 381 -19.55 -33.79 -1.44
CA PHE A 381 -18.12 -34.02 -1.25
C PHE A 381 -17.86 -35.36 -0.60
N THR A 382 -16.83 -36.05 -1.08
CA THR A 382 -16.49 -37.36 -0.54
C THR A 382 -15.03 -37.43 -0.18
N LEU A 383 -14.76 -37.70 1.09
CA LEU A 383 -13.41 -37.77 1.59
C LEU A 383 -12.82 -39.17 1.35
N LYS A 384 -11.60 -39.21 0.84
CA LYS A 384 -10.90 -40.48 0.62
C LYS A 384 -9.49 -40.39 1.20
N GLY A 385 -8.74 -41.48 1.11
CA GLY A 385 -7.41 -41.53 1.68
C GLY A 385 -7.45 -41.31 3.17
N SER A 386 -6.52 -40.53 3.69
CA SER A 386 -6.47 -40.24 5.11
C SER A 386 -7.66 -39.40 5.58
N LEU A 387 -8.35 -38.78 4.63
CA LEU A 387 -9.43 -37.87 4.96
C LEU A 387 -10.69 -38.63 5.37
N ARG A 388 -10.71 -39.93 5.09
CA ARG A 388 -11.89 -40.77 5.31
C ARG A 388 -12.30 -40.87 6.77
N GLU A 389 -11.32 -40.86 7.66
CA GLU A 389 -11.57 -41.02 9.09
C GLU A 389 -12.13 -39.75 9.73
N ILE A 390 -12.11 -38.64 9.01
CA ILE A 390 -12.71 -37.41 9.52
C ILE A 390 -14.22 -37.55 9.59
N GLN A 391 -14.82 -37.15 10.70
CA GLN A 391 -16.28 -37.27 10.87
C GLN A 391 -16.90 -36.02 11.50
N GLU A 392 -16.09 -34.98 11.64
CA GLU A 392 -16.56 -33.72 12.19
C GLU A 392 -15.88 -32.53 11.48
N LEU A 393 -16.67 -31.53 11.13
CA LEU A 393 -16.16 -30.35 10.44
C LEU A 393 -16.83 -29.07 10.95
N GLN A 394 -16.02 -28.08 11.31
CA GLN A 394 -16.56 -26.78 11.68
C GLN A 394 -16.95 -26.02 10.43
N VAL A 395 -17.96 -25.17 10.53
CA VAL A 395 -18.49 -24.49 9.36
C VAL A 395 -18.58 -22.97 9.53
N TRP A 396 -17.99 -22.24 8.59
CA TRP A 396 -18.06 -20.78 8.60
C TRP A 396 -18.67 -20.27 7.29
N TYR A 397 -19.51 -19.24 7.39
CA TYR A 397 -20.31 -18.83 6.25
C TYR A 397 -20.33 -17.31 6.03
N THR A 398 -20.27 -16.90 4.77
CA THR A 398 -20.40 -15.49 4.45
C THR A 398 -21.31 -15.30 3.23
N LYS A 399 -22.15 -14.26 3.28
CA LYS A 399 -23.01 -13.91 2.17
C LYS A 399 -22.83 -12.44 1.79
N LEU A 400 -22.43 -12.17 0.55
CA LEU A 400 -22.17 -10.80 0.12
C LEU A 400 -23.35 -10.20 -0.62
N GLY A 401 -23.69 -8.96 -0.26
CA GLY A 401 -24.84 -8.25 -0.83
C GLY A 401 -25.16 -6.95 -0.13
N ARG A 406 -26.63 -8.80 3.76
CA ARG A 406 -25.24 -9.21 3.93
C ARG A 406 -24.97 -9.82 5.32
N LEU A 407 -24.18 -10.91 5.34
CA LEU A 407 -23.79 -11.60 6.58
C LEU A 407 -22.33 -12.05 6.51
N HIS A 408 -21.52 -11.64 7.48
CA HIS A 408 -20.09 -11.83 7.41
C HIS A 408 -19.53 -12.82 8.44
N PHE A 409 -18.83 -13.84 7.94
CA PHE A 409 -18.03 -14.77 8.75
C PHE A 409 -18.77 -15.31 9.98
N LYS A 410 -20.04 -15.62 9.80
CA LYS A 410 -20.85 -16.23 10.85
C LYS A 410 -20.58 -17.73 10.89
N GLN A 411 -20.47 -18.27 12.09
CA GLN A 411 -20.21 -19.69 12.25
C GLN A 411 -21.52 -20.46 12.31
N LEU A 412 -21.59 -21.56 11.56
CA LEU A 412 -22.81 -22.38 11.54
C LEU A 412 -22.59 -23.66 12.32
N ASP A 413 -23.67 -24.43 12.45
CA ASP A 413 -23.64 -25.67 13.19
C ASP A 413 -22.68 -26.66 12.57
N THR A 414 -22.07 -27.48 13.41
CA THR A 414 -21.12 -28.48 12.96
C THR A 414 -21.77 -29.52 12.04
N LEU A 415 -21.05 -29.92 10.98
CA LEU A 415 -21.51 -31.01 10.13
C LEU A 415 -20.85 -32.33 10.54
N TRP A 416 -21.67 -33.36 10.71
CA TRP A 416 -21.18 -34.67 11.17
C TRP A 416 -21.23 -35.72 10.07
N LEU A 417 -20.15 -36.47 9.94
CA LEU A 417 -20.01 -37.50 8.92
C LEU A 417 -19.98 -38.89 9.55
N LEU A 418 -20.82 -39.08 10.57
CA LEU A 418 -20.75 -40.25 11.44
C LEU A 418 -21.17 -41.55 10.77
N ASP A 419 -21.95 -41.44 9.70
CA ASP A 419 -22.54 -42.61 9.06
C ASP A 419 -21.55 -43.41 8.22
N GLY A 420 -20.26 -43.06 8.31
CA GLY A 420 -19.21 -43.80 7.65
C GLY A 420 -19.08 -43.54 6.16
N SER A 421 -19.90 -42.65 5.64
CA SER A 421 -19.89 -42.35 4.21
C SER A 421 -18.77 -41.39 3.83
N GLY A 422 -18.17 -40.74 4.83
CA GLY A 422 -17.14 -39.75 4.59
C GLY A 422 -17.61 -38.71 3.60
N SER A 423 -18.92 -38.50 3.58
CA SER A 423 -19.55 -37.71 2.54
C SER A 423 -20.62 -36.79 3.10
N PHE A 424 -20.80 -35.66 2.44
CA PHE A 424 -21.78 -34.67 2.84
C PHE A 424 -22.18 -33.84 1.64
N THR A 425 -23.30 -33.16 1.77
CA THR A 425 -23.85 -32.40 0.66
C THR A 425 -24.22 -31.00 1.11
N LEU A 426 -23.93 -30.01 0.28
CA LEU A 426 -24.26 -28.63 0.56
C LEU A 426 -25.13 -28.05 -0.55
N GLU A 427 -26.12 -27.24 -0.19
CA GLU A 427 -26.83 -26.47 -1.19
C GLU A 427 -26.21 -25.09 -1.33
N LEU A 428 -25.79 -24.74 -2.53
CA LEU A 428 -25.08 -23.49 -2.74
C LEU A 428 -25.91 -22.49 -3.52
N GLU A 429 -25.81 -21.22 -3.14
CA GLU A 429 -26.40 -20.16 -3.94
C GLU A 429 -25.30 -19.20 -4.40
N GLU A 430 -25.69 -18.04 -4.91
CA GLU A 430 -24.72 -17.14 -5.51
C GLU A 430 -24.09 -16.22 -4.48
N ASP A 431 -22.83 -15.85 -4.72
CA ASP A 431 -22.13 -14.90 -3.87
C ASP A 431 -21.96 -15.38 -2.44
N GLU A 432 -21.67 -16.66 -2.26
CA GLU A 432 -21.44 -17.21 -0.93
C GLU A 432 -20.02 -17.74 -0.73
N ILE A 433 -19.54 -17.77 0.52
CA ILE A 433 -18.31 -18.47 0.85
C ILE A 433 -18.56 -19.44 1.99
N PHE A 434 -18.00 -20.63 1.90
CA PHE A 434 -18.05 -21.62 2.96
C PHE A 434 -16.65 -22.04 3.31
N THR A 435 -16.35 -22.21 4.59
CA THR A 435 -15.10 -22.83 4.99
C THR A 435 -15.41 -23.99 5.92
N LEU A 436 -14.91 -25.17 5.55
CA LEU A 436 -15.13 -26.37 6.32
C LEU A 436 -13.80 -26.87 6.82
N THR A 437 -13.64 -26.93 8.12
CA THR A 437 -12.32 -27.23 8.65
C THR A 437 -12.41 -28.05 9.92
N THR A 438 -11.35 -28.78 10.20
CA THR A 438 -11.25 -29.51 11.45
C THR A 438 -10.72 -28.61 12.56
N LEU A 439 -10.31 -27.41 12.20
CA LEU A 439 -9.72 -26.49 13.16
C LEU A 439 -10.80 -25.82 14.02
N THR A 440 -10.54 -25.71 15.31
CA THR A 440 -11.52 -25.19 16.25
C THR A 440 -11.19 -23.76 16.71
N THR A 441 -10.16 -23.17 16.11
CA THR A 441 -9.61 -21.92 16.61
C THR A 441 -10.22 -20.68 15.96
N GLY A 442 -11.13 -20.88 15.02
CA GLY A 442 -11.72 -19.77 14.30
C GLY A 442 -12.47 -18.79 15.19
N ARG A 443 -12.37 -17.51 14.87
CA ARG A 443 -13.06 -16.50 15.65
C ARG A 443 -13.32 -15.23 14.86
N LYS A 444 -14.56 -14.75 14.91
CA LYS A 444 -14.85 -13.43 14.38
C LYS A 444 -14.50 -12.37 15.42
N GLY A 445 -13.29 -11.84 15.34
CA GLY A 445 -12.84 -10.83 16.26
C GLY A 445 -13.77 -9.64 16.26
N SER A 446 -13.82 -8.94 17.38
CA SER A 446 -14.74 -7.83 17.53
C SER A 446 -14.28 -6.83 18.57
N TYR A 447 -14.15 -5.58 18.16
CA TYR A 447 -14.02 -4.49 19.10
C TYR A 447 -15.29 -3.67 19.04
N PRO A 448 -15.56 -2.86 20.07
CA PRO A 448 -16.72 -1.98 20.02
C PRO A 448 -16.61 -1.02 18.84
N PRO A 449 -17.74 -0.49 18.36
CA PRO A 449 -17.69 0.42 17.21
C PRO A 449 -16.87 1.67 17.51
N PRO A 450 -16.12 2.16 16.51
CA PRO A 450 -15.31 3.38 16.61
C PRO A 450 -16.17 4.62 16.35
N PRO A 451 -15.68 5.83 16.72
CA PRO A 451 -16.43 7.07 16.53
C PRO A 451 -16.95 7.25 15.09
N SER A 452 -18.04 7.98 14.94
CA SER A 452 -18.64 8.23 13.63
C SER A 452 -17.71 9.01 12.72
N SER A 453 -17.96 8.93 11.42
CA SER A 453 -17.16 9.66 10.43
C SER A 453 -17.36 11.15 10.61
N LYS A 454 -16.26 11.90 10.52
CA LYS A 454 -16.29 13.35 10.61
C LYS A 454 -15.33 13.94 9.60
N PRO A 455 -15.69 15.09 9.02
CA PRO A 455 -14.80 15.78 8.08
C PRO A 455 -13.52 16.22 8.76
N PHE A 456 -12.48 16.50 7.97
CA PHE A 456 -11.29 17.13 8.48
C PHE A 456 -11.67 18.45 9.16
N PRO A 457 -11.10 18.71 10.35
CA PRO A 457 -11.39 19.92 11.14
C PRO A 457 -11.35 21.21 10.31
N THR A 458 -12.34 22.06 10.44
CA THR A 458 -12.42 23.27 9.62
C THR A 458 -11.44 24.33 10.12
N ASN A 459 -10.98 24.17 11.35
CA ASN A 459 -9.87 24.95 11.84
C ASN A 459 -8.76 24.02 12.27
N TYR A 460 -7.54 24.26 11.81
CA TYR A 460 -6.45 23.32 12.05
C TYR A 460 -5.12 24.02 12.04
N LYS A 461 -4.24 23.65 12.97
CA LYS A 461 -2.96 24.32 13.14
C LYS A 461 -1.84 23.34 13.48
N ASP A 462 -0.63 23.62 13.02
CA ASP A 462 0.51 22.86 13.46
C ASP A 462 1.75 23.74 13.53
N ASP A 463 2.38 23.77 14.71
CA ASP A 463 3.56 24.60 14.91
C ASP A 463 4.82 23.75 14.85
N PHE A 464 4.63 22.44 14.61
CA PHE A 464 5.72 21.46 14.45
C PHE A 464 6.68 21.42 15.62
N ASN A 465 6.25 21.88 16.79
CA ASN A 465 7.15 21.94 17.93
C ASN A 465 7.16 20.63 18.72
N VAL A 466 7.87 19.65 18.18
CA VAL A 466 8.04 18.34 18.80
C VAL A 466 9.51 17.99 18.81
N GLU A 467 10.09 17.79 19.98
CA GLU A 467 11.53 17.65 20.05
C GLU A 467 12.00 16.26 19.71
N TYR A 468 11.25 15.26 20.16
CA TYR A 468 11.53 13.88 19.83
C TYR A 468 10.30 13.21 19.22
N PRO A 469 10.01 13.51 17.95
CA PRO A 469 8.81 12.98 17.31
C PRO A 469 8.84 11.48 17.15
N LEU A 470 7.68 10.84 17.23
CA LEU A 470 7.59 9.40 17.08
C LEU A 470 7.80 8.99 15.63
N PHE A 471 7.36 9.84 14.71
CA PHE A 471 7.52 9.63 13.28
C PHE A 471 8.27 10.81 12.64
N SER A 472 8.93 10.58 11.51
CA SER A 472 9.80 11.59 10.94
C SER A 472 9.05 12.77 10.30
N GLU A 473 7.75 12.64 10.08
CA GLU A 473 6.98 13.72 9.49
C GLU A 473 5.75 14.06 10.34
N ALA A 474 5.33 15.33 10.29
CA ALA A 474 4.13 15.78 10.97
C ALA A 474 2.88 15.09 10.39
N PRO A 475 1.87 14.84 11.23
CA PRO A 475 0.65 14.15 10.83
C PRO A 475 -0.15 14.83 9.71
N ASN A 476 -0.89 14.03 8.95
CA ASN A 476 -1.82 14.51 7.92
C ASN A 476 -1.18 15.17 6.69
N PHE A 477 0.07 15.57 6.78
CA PHE A 477 0.78 16.06 5.59
C PHE A 477 1.16 14.88 4.69
N ALA A 478 0.53 14.80 3.53
CA ALA A 478 0.84 13.73 2.59
C ALA A 478 1.66 14.24 1.42
N ASP A 479 2.95 13.94 1.44
CA ASP A 479 3.87 14.37 0.39
C ASP A 479 3.49 13.76 -0.95
N GLN A 480 3.37 14.58 -1.98
CA GLN A 480 3.04 14.08 -3.32
C GLN A 480 4.18 14.28 -4.32
N THR A 481 5.15 15.12 -3.97
CA THR A 481 6.43 15.16 -4.64
C THR A 481 7.40 15.78 -3.65
N GLY A 482 8.60 15.23 -3.55
CA GLY A 482 9.51 15.65 -2.51
C GLY A 482 9.21 14.96 -1.20
N VAL A 483 9.93 15.32 -0.15
CA VAL A 483 9.84 14.68 1.14
C VAL A 483 9.99 15.72 2.26
N PHE A 484 9.03 15.76 3.18
CA PHE A 484 8.99 16.78 4.22
C PHE A 484 9.19 16.12 5.57
N GLU A 485 10.05 16.70 6.39
CA GLU A 485 10.47 16.08 7.64
C GLU A 485 10.49 17.10 8.78
N TYR A 486 10.23 16.64 10.00
CA TYR A 486 10.52 17.45 11.18
C TYR A 486 11.98 17.88 11.13
N TYR A 487 12.23 19.13 11.49
CA TYR A 487 13.59 19.65 11.50
C TYR A 487 13.86 20.53 12.72
N MET A 488 14.89 20.17 13.48
CA MET A 488 15.33 20.97 14.61
C MET A 488 16.53 21.83 14.25
N ASN A 489 16.38 23.14 14.39
CA ASN A 489 17.49 24.04 14.17
C ASN A 489 17.84 24.78 15.46
N ASN A 490 18.94 24.39 16.09
CA ASN A 490 19.29 24.95 17.39
C ASN A 490 19.79 26.39 17.31
N GLU A 491 20.18 26.82 16.12
CA GLU A 491 20.72 28.15 15.94
C GLU A 491 19.64 29.23 16.00
N ASP A 492 18.39 28.80 15.82
CA ASP A 492 17.26 29.73 15.80
C ASP A 492 16.34 29.48 16.99
N ARG A 493 15.89 30.54 17.62
CA ARG A 493 15.01 30.44 18.79
C ARG A 493 13.54 30.44 18.39
N GLU A 494 13.12 31.42 17.59
CA GLU A 494 11.74 31.50 17.15
C GLU A 494 11.35 30.32 16.26
N HIS A 495 12.30 29.83 15.47
CA HIS A 495 12.03 28.75 14.53
C HIS A 495 12.93 27.54 14.77
N ARG A 496 12.96 27.07 16.01
CA ARG A 496 13.80 25.96 16.37
C ARG A 496 13.26 24.64 15.81
N PHE A 497 11.95 24.55 15.69
CA PHE A 497 11.29 23.34 15.24
C PHE A 497 10.38 23.62 14.06
N THR A 498 10.79 23.19 12.88
CA THR A 498 10.07 23.51 11.66
C THR A 498 9.80 22.24 10.85
N LEU A 499 9.19 22.41 9.69
CA LEU A 499 9.02 21.33 8.73
C LEU A 499 9.87 21.66 7.49
N ARG A 500 10.67 20.69 7.02
CA ARG A 500 11.64 20.96 5.97
C ARG A 500 11.52 20.00 4.79
N GLN A 501 11.58 20.53 3.57
CA GLN A 501 11.69 19.69 2.38
C GLN A 501 13.15 19.32 2.21
N VAL A 502 13.47 18.03 2.21
CA VAL A 502 14.87 17.59 2.25
C VAL A 502 15.46 17.01 0.95
N LEU A 503 14.66 16.89 -0.09
CA LEU A 503 15.24 16.42 -1.35
C LEU A 503 15.97 17.54 -2.07
N ASN A 504 17.19 17.27 -2.53
CA ASN A 504 17.93 18.24 -3.32
C ASN A 504 18.17 17.81 -4.77
N GLN A 505 17.57 16.70 -5.19
CA GLN A 505 17.54 16.35 -6.60
C GLN A 505 16.41 15.35 -6.93
N ARG A 506 15.95 15.40 -8.16
CA ARG A 506 14.87 14.54 -8.60
C ARG A 506 15.26 13.08 -8.42
N PRO A 507 14.39 12.28 -7.78
CA PRO A 507 14.60 10.84 -7.63
C PRO A 507 14.61 10.08 -8.97
N ILE A 508 15.16 8.87 -8.99
CA ILE A 508 14.87 7.93 -10.08
C ILE A 508 13.41 7.53 -9.94
N THR A 509 12.57 8.13 -10.75
CA THR A 509 11.14 8.10 -10.53
C THR A 509 10.43 6.84 -11.03
N TRP A 510 9.33 6.52 -10.38
CA TRP A 510 8.43 5.45 -10.78
C TRP A 510 7.31 6.08 -11.58
N ALA A 511 6.73 7.11 -10.99
CA ALA A 511 5.67 7.88 -11.61
C ALA A 511 6.22 9.16 -12.22
N ALA A 512 5.34 9.95 -12.78
CA ALA A 512 5.71 11.28 -13.24
C ALA A 512 5.62 12.29 -12.08
N ASP A 513 6.63 12.33 -11.21
CA ASP A 513 6.68 13.34 -10.16
C ASP A 513 6.61 14.73 -10.77
N ALA A 514 6.05 15.68 -10.02
CA ALA A 514 6.05 17.07 -10.43
C ALA A 514 7.47 17.64 -10.50
N SER A 515 7.62 18.80 -11.12
CA SER A 515 8.87 19.54 -11.14
C SER A 515 9.04 20.32 -9.85
N SER A 516 7.93 20.56 -9.17
CA SER A 516 7.94 21.24 -7.88
C SER A 516 7.55 20.25 -6.77
N THR A 517 8.08 20.43 -5.56
CA THR A 517 7.67 19.57 -4.46
C THR A 517 6.37 20.10 -3.87
N ILE A 518 5.63 19.22 -3.21
CA ILE A 518 4.32 19.56 -2.70
C ILE A 518 3.83 18.50 -1.72
N SER A 519 3.22 18.97 -0.63
CA SER A 519 2.58 18.13 0.36
C SER A 519 1.17 18.65 0.57
N VAL A 520 0.17 17.79 0.51
CA VAL A 520 -1.21 18.24 0.64
C VAL A 520 -1.82 17.78 1.95
N ILE A 521 -2.86 18.48 2.38
CA ILE A 521 -3.46 18.26 3.68
C ILE A 521 -4.90 18.76 3.73
N GLY A 522 -5.73 18.09 4.52
CA GLY A 522 -7.06 18.62 4.80
C GLY A 522 -8.20 17.87 4.16
N ASP A 523 -9.21 18.62 3.71
CA ASP A 523 -10.44 18.05 3.15
C ASP A 523 -10.55 18.45 1.68
N HIS A 524 -10.62 17.44 0.81
CA HIS A 524 -10.70 17.67 -0.64
C HIS A 524 -11.98 18.40 -1.03
N HIS A 525 -12.99 18.37 -0.15
CA HIS A 525 -14.25 19.04 -0.43
C HIS A 525 -14.17 20.56 -0.23
N TRP A 526 -13.17 21.03 0.52
CA TRP A 526 -13.01 22.45 0.82
C TRP A 526 -13.06 23.35 -0.41
N THR A 527 -13.85 24.42 -0.32
CA THR A 527 -14.00 25.39 -1.41
C THR A 527 -13.46 26.76 -1.00
N ASN A 528 -13.91 27.24 0.14
CA ASN A 528 -13.36 28.47 0.72
C ASN A 528 -12.36 28.19 1.79
N MET A 529 -11.22 28.83 1.73
CA MET A 529 -10.23 28.55 2.73
C MET A 529 -9.27 29.69 2.85
N THR A 530 -8.71 29.83 4.05
CA THR A 530 -7.57 30.69 4.25
C THR A 530 -6.43 29.83 4.77
N VAL A 531 -5.31 29.87 4.07
CA VAL A 531 -4.14 29.08 4.42
C VAL A 531 -3.04 30.05 4.80
N GLN A 532 -2.41 29.81 5.95
CA GLN A 532 -1.30 30.63 6.40
C GLN A 532 -0.12 29.76 6.79
N CYS A 533 1.09 30.20 6.46
CA CYS A 533 2.30 29.49 6.84
C CYS A 533 3.52 30.40 6.84
N ASP A 534 4.46 30.17 7.75
CA ASP A 534 5.76 30.84 7.67
C ASP A 534 6.66 30.02 6.75
N VAL A 535 7.35 30.68 5.83
CA VAL A 535 8.23 29.98 4.90
C VAL A 535 9.65 30.52 4.94
N TYR A 536 10.59 29.71 4.49
CA TYR A 536 12.00 30.05 4.54
C TYR A 536 12.70 29.40 3.34
N ILE A 537 13.22 30.23 2.45
CA ILE A 537 13.88 29.78 1.22
C ILE A 537 15.39 29.65 1.45
N GLU A 538 15.94 28.46 1.29
CA GLU A 538 17.33 28.27 1.65
C GLU A 538 18.32 28.60 0.51
N THR A 539 17.84 28.60 -0.73
CA THR A 539 18.73 28.76 -1.89
C THR A 539 18.73 30.18 -2.45
N PRO A 540 19.88 30.85 -2.42
CA PRO A 540 19.98 32.25 -2.88
C PRO A 540 19.63 32.43 -4.36
N ARG A 541 19.00 33.56 -4.66
CA ARG A 541 18.70 33.99 -6.03
C ARG A 541 17.63 33.16 -6.73
N SER A 542 17.79 31.85 -6.73
CA SER A 542 16.97 30.99 -7.57
C SER A 542 15.85 30.24 -6.84
N GLY A 543 15.83 30.32 -5.51
CA GLY A 543 14.89 29.56 -4.72
C GLY A 543 13.47 30.10 -4.72
N GLY A 544 12.51 29.23 -4.43
CA GLY A 544 11.13 29.63 -4.36
C GLY A 544 10.29 28.65 -3.57
N VAL A 545 9.20 29.15 -2.98
CA VAL A 545 8.29 28.31 -2.21
C VAL A 545 6.87 28.73 -2.52
N PHE A 546 5.90 27.96 -2.06
CA PHE A 546 4.51 28.36 -2.24
C PHE A 546 3.59 27.81 -1.16
N ILE A 547 2.42 28.40 -1.04
CA ILE A 547 1.27 27.79 -0.37
C ILE A 547 0.09 27.77 -1.34
N ALA A 548 -0.88 26.90 -1.10
CA ALA A 548 -1.95 26.71 -2.07
C ALA A 548 -3.25 26.18 -1.47
N GLY A 549 -4.31 26.28 -2.26
CA GLY A 549 -5.61 25.76 -1.89
C GLY A 549 -6.37 25.28 -3.11
N ARG A 550 -7.42 24.52 -2.88
CA ARG A 550 -8.22 23.94 -3.95
C ARG A 550 -7.39 23.00 -4.82
N VAL A 551 -6.35 22.38 -4.26
CA VAL A 551 -5.55 21.43 -5.01
C VAL A 551 -6.35 20.16 -5.26
N ASN A 552 -6.65 19.85 -6.52
CA ASN A 552 -7.68 18.86 -6.80
C ASN A 552 -7.20 17.45 -7.17
N LYS A 553 -5.92 17.29 -7.46
CA LYS A 553 -5.38 15.97 -7.83
C LYS A 553 -4.03 15.76 -7.18
N GLY A 554 -3.70 14.52 -6.87
CA GLY A 554 -2.39 14.17 -6.34
C GLY A 554 -2.00 12.77 -6.78
N GLY A 555 -1.02 12.18 -6.09
CA GLY A 555 -0.56 10.86 -6.41
C GLY A 555 0.04 10.73 -7.79
N ILE A 556 -0.36 9.70 -8.51
CA ILE A 556 0.06 9.45 -9.88
C ILE A 556 -0.18 10.67 -10.78
N LEU A 557 -1.22 11.41 -10.46
CA LEU A 557 -1.63 12.55 -11.27
C LEU A 557 -1.14 13.90 -10.73
N ILE A 558 -0.15 13.89 -9.85
CA ILE A 558 0.24 15.11 -9.17
C ILE A 558 0.69 16.23 -10.13
N ARG A 559 1.22 15.88 -11.30
CA ARG A 559 1.57 16.88 -12.31
C ARG A 559 0.34 17.61 -12.84
N SER A 560 -0.82 16.98 -12.68
CA SER A 560 -2.08 17.48 -13.21
C SER A 560 -2.75 18.52 -12.32
N ALA A 561 -2.22 18.70 -11.11
CA ALA A 561 -2.94 19.43 -10.07
C ALA A 561 -3.23 20.87 -10.46
N THR A 562 -4.51 21.23 -10.37
CA THR A 562 -4.92 22.62 -10.46
C THR A 562 -5.30 23.10 -9.06
N GLY A 563 -5.67 24.38 -8.97
CA GLY A 563 -5.98 25.00 -7.70
C GLY A 563 -5.56 26.46 -7.71
N VAL A 564 -5.18 27.00 -6.55
CA VAL A 564 -4.65 28.36 -6.52
C VAL A 564 -3.32 28.34 -5.81
N PHE A 565 -2.26 28.72 -6.52
CA PHE A 565 -0.91 28.63 -5.98
C PHE A 565 -0.26 29.99 -5.82
N PHE A 566 0.16 30.28 -4.59
CA PHE A 566 0.79 31.56 -4.23
C PHE A 566 2.29 31.34 -4.09
N TRP A 567 3.06 31.75 -5.08
CA TRP A 567 4.51 31.54 -5.08
C TRP A 567 5.28 32.79 -4.67
N ILE A 568 6.37 32.62 -3.92
CA ILE A 568 7.34 33.70 -3.80
C ILE A 568 8.74 33.19 -4.15
N PHE A 569 9.56 34.08 -4.70
CA PHE A 569 10.91 33.70 -5.13
C PHE A 569 11.98 34.61 -4.54
N ALA A 570 13.18 34.07 -4.39
CA ALA A 570 14.28 34.77 -3.74
C ALA A 570 14.91 35.84 -4.61
N ASN A 571 14.46 35.96 -5.86
CA ASN A 571 14.92 37.03 -6.74
C ASN A 571 14.05 38.27 -6.60
N GLY A 572 13.12 38.23 -5.65
CA GLY A 572 12.26 39.36 -5.37
C GLY A 572 11.01 39.44 -6.22
N SER A 573 10.28 38.33 -6.31
CA SER A 573 9.04 38.32 -7.10
C SER A 573 8.01 37.33 -6.58
N TYR A 574 6.79 37.42 -7.08
CA TYR A 574 5.74 36.49 -6.74
C TYR A 574 4.92 36.15 -7.99
N ARG A 575 4.24 35.02 -7.94
CA ARG A 575 3.35 34.58 -9.01
C ARG A 575 2.13 33.97 -8.36
N VAL A 576 0.99 34.06 -9.04
CA VAL A 576 -0.21 33.35 -8.64
C VAL A 576 -0.69 32.50 -9.81
N THR A 577 -0.68 31.18 -9.64
CA THR A 577 -1.01 30.30 -10.76
C THR A 577 -2.21 29.38 -10.48
N ALA A 578 -2.83 28.91 -11.56
CA ALA A 578 -3.94 27.97 -11.48
C ALA A 578 -3.44 26.53 -11.40
N ASP A 579 -2.18 26.30 -11.74
CA ASP A 579 -1.64 24.95 -11.83
C ASP A 579 -0.28 24.80 -11.16
N LEU A 580 -0.01 23.60 -10.65
CA LEU A 580 1.27 23.31 -10.00
C LEU A 580 2.44 23.54 -10.95
N GLY A 581 2.21 23.28 -12.24
CA GLY A 581 3.24 23.41 -13.24
C GLY A 581 3.55 24.86 -13.61
N GLY A 582 2.74 25.79 -13.09
CA GLY A 582 2.97 27.21 -13.30
C GLY A 582 2.77 27.70 -14.73
N TRP A 583 1.96 26.98 -15.50
CA TRP A 583 1.71 27.39 -16.89
C TRP A 583 0.65 28.48 -17.00
N ILE A 584 -0.28 28.53 -16.06
CA ILE A 584 -1.41 29.46 -16.15
C ILE A 584 -1.39 30.51 -15.05
N THR A 585 -1.21 31.77 -15.45
CA THR A 585 -1.09 32.87 -14.50
C THR A 585 -2.41 33.53 -14.12
N TYR A 586 -2.61 33.73 -12.82
CA TYR A 586 -3.71 34.53 -12.30
C TYR A 586 -3.24 35.95 -12.01
N ALA A 587 -2.03 36.06 -11.48
CA ALA A 587 -1.40 37.33 -11.15
C ALA A 587 0.10 37.13 -10.92
N SER A 588 0.85 38.23 -10.97
CA SER A 588 2.29 38.16 -10.77
C SER A 588 2.86 39.55 -10.59
N GLY A 589 3.99 39.65 -9.90
CA GLY A 589 4.60 40.95 -9.67
C GLY A 589 5.88 40.89 -8.85
N HIS A 590 6.26 42.04 -8.30
CA HIS A 590 7.46 42.14 -7.48
C HIS A 590 7.11 42.06 -6.00
N ALA A 591 8.07 41.62 -5.19
CA ALA A 591 7.86 41.53 -3.76
C ALA A 591 9.19 41.61 -3.01
N ASP A 592 9.15 42.16 -1.81
CA ASP A 592 10.35 42.27 -0.99
C ASP A 592 10.69 40.91 -0.36
N VAL A 593 11.29 40.04 -1.17
CA VAL A 593 11.57 38.69 -0.74
C VAL A 593 12.99 38.31 -1.13
N THR A 594 13.73 37.74 -0.17
CA THR A 594 15.10 37.28 -0.43
C THR A 594 15.27 35.88 0.15
N ALA A 595 16.47 35.32 0.06
CA ALA A 595 16.73 34.01 0.63
C ALA A 595 17.11 34.13 2.09
N LYS A 596 16.98 33.03 2.82
CA LYS A 596 17.44 32.92 4.20
C LYS A 596 16.77 33.95 5.09
N ARG A 597 15.46 34.11 4.92
CA ARG A 597 14.68 35.01 5.74
CA ARG A 597 14.68 35.03 5.72
C ARG A 597 13.27 34.50 5.89
N TRP A 598 12.72 34.61 7.10
CA TRP A 598 11.38 34.10 7.38
C TRP A 598 10.28 35.07 6.98
N TYR A 599 9.32 34.59 6.18
CA TYR A 599 8.18 35.40 5.81
C TYR A 599 6.90 34.68 6.16
N THR A 600 5.84 35.42 6.44
CA THR A 600 4.53 34.81 6.64
C THR A 600 3.64 35.01 5.42
N LEU A 601 3.30 33.90 4.75
CA LEU A 601 2.34 33.93 3.65
C LEU A 601 0.92 33.63 4.09
N THR A 602 -0.02 34.41 3.60
CA THR A 602 -1.42 34.10 3.79
C THR A 602 -2.13 34.08 2.42
N LEU A 603 -2.93 33.05 2.18
CA LEU A 603 -3.71 32.94 0.96
C LEU A 603 -5.17 32.73 1.31
N GLY A 604 -6.04 33.63 0.85
CA GLY A 604 -7.47 33.53 1.06
C GLY A 604 -8.20 33.33 -0.25
N ILE A 605 -9.09 32.34 -0.27
CA ILE A 605 -9.84 32.01 -1.47
C ILE A 605 -11.31 31.86 -1.14
N LYS A 606 -12.13 32.67 -1.80
CA LYS A 606 -13.58 32.67 -1.57
C LYS A 606 -14.29 32.88 -2.89
N GLY A 607 -15.13 31.92 -3.27
CA GLY A 607 -15.85 31.97 -4.53
C GLY A 607 -14.95 32.21 -5.73
N TYR A 608 -15.24 33.29 -6.45
CA TYR A 608 -14.53 33.66 -7.67
C TYR A 608 -13.22 34.41 -7.44
N PHE A 609 -12.92 34.75 -6.20
CA PHE A 609 -11.80 35.67 -5.94
C PHE A 609 -10.84 35.19 -4.87
N ALA A 610 -9.59 35.62 -5.00
CA ALA A 610 -8.58 35.28 -4.02
C ALA A 610 -7.74 36.50 -3.67
N PHE A 611 -7.02 36.41 -2.56
CA PHE A 611 -6.09 37.45 -2.15
C PHE A 611 -4.88 36.80 -1.49
N GLY A 612 -3.80 37.55 -1.40
CA GLY A 612 -2.58 37.06 -0.79
C GLY A 612 -1.92 38.12 0.06
N MET A 613 -1.37 37.70 1.19
CA MET A 613 -0.70 38.60 2.10
C MET A 613 0.74 38.20 2.34
N LEU A 614 1.59 39.20 2.47
CA LEU A 614 2.97 39.00 2.87
C LEU A 614 3.19 39.73 4.19
N ASN A 615 3.50 38.97 5.24
CA ASN A 615 3.65 39.52 6.58
C ASN A 615 2.45 40.36 7.00
N GLY A 616 1.24 39.84 6.81
CA GLY A 616 0.04 40.52 7.25
C GLY A 616 -0.41 41.69 6.39
N THR A 617 0.34 42.00 5.34
CA THR A 617 0.01 43.11 4.45
C THR A 617 -0.40 42.63 3.08
N ILE A 618 -1.47 43.21 2.53
CA ILE A 618 -1.99 42.76 1.25
C ILE A 618 -0.96 42.94 0.16
N LEU A 619 -0.70 41.87 -0.59
CA LEU A 619 0.21 41.96 -1.73
C LEU A 619 -0.62 42.01 -3.00
N TRP A 620 -1.71 41.24 -3.03
CA TRP A 620 -2.67 41.27 -4.12
C TRP A 620 -4.04 40.86 -3.59
N LYS A 621 -5.11 41.33 -4.23
CA LYS A 621 -6.44 40.96 -3.80
C LYS A 621 -7.44 41.05 -4.93
N ASN A 622 -8.62 40.47 -4.71
CA ASN A 622 -9.69 40.44 -5.70
C ASN A 622 -9.23 39.93 -7.06
N VAL A 623 -8.34 38.95 -7.03
CA VAL A 623 -7.89 38.32 -8.25
C VAL A 623 -8.83 37.18 -8.61
N ARG A 624 -9.37 37.22 -9.82
CA ARG A 624 -10.34 36.22 -10.25
C ARG A 624 -9.68 34.87 -10.43
N VAL A 625 -10.30 33.86 -9.85
CA VAL A 625 -9.85 32.48 -9.99
C VAL A 625 -11.03 31.64 -10.47
N LYS A 626 -10.75 30.46 -11.03
CA LYS A 626 -11.81 29.57 -11.51
C LYS A 626 -12.71 29.16 -10.35
N TYR A 627 -14.01 29.10 -10.63
CA TYR A 627 -14.99 28.69 -9.64
C TYR A 627 -16.22 28.24 -10.40
N PRO A 628 -16.88 27.17 -9.91
CA PRO A 628 -16.56 26.38 -8.72
C PRO A 628 -15.30 25.52 -8.85
N GLY A 629 -14.66 25.25 -7.72
CA GLY A 629 -13.50 24.39 -7.65
C GLY A 629 -13.25 24.05 -6.20
N HIS A 630 -12.68 22.88 -5.95
CA HIS A 630 -12.40 22.43 -4.58
C HIS A 630 -11.17 21.55 -4.52
N GLY A 631 -10.56 21.48 -3.33
CA GLY A 631 -9.39 20.65 -3.12
C GLY A 631 -8.69 20.92 -1.80
N TRP A 632 -7.57 20.23 -1.58
CA TRP A 632 -6.79 20.34 -0.35
C TRP A 632 -6.03 21.66 -0.24
N ALA A 633 -5.46 21.90 0.95
CA ALA A 633 -4.43 22.91 1.15
C ALA A 633 -3.08 22.27 0.87
N ALA A 634 -2.06 23.09 0.60
CA ALA A 634 -0.74 22.55 0.37
C ALA A 634 0.40 23.54 0.57
N ILE A 635 1.60 22.99 0.73
CA ILE A 635 2.85 23.76 0.78
C ILE A 635 3.86 23.13 -0.17
N GLY A 636 4.87 23.88 -0.57
CA GLY A 636 5.92 23.29 -1.39
C GLY A 636 7.03 24.22 -1.86
N THR A 637 7.86 23.71 -2.77
CA THR A 637 9.05 24.43 -3.22
C THR A 637 9.13 24.41 -4.73
N HIS A 638 9.85 25.37 -5.31
CA HIS A 638 9.83 25.51 -6.76
C HIS A 638 10.49 24.31 -7.46
N THR A 639 11.65 23.88 -6.98
CA THR A 639 12.23 22.65 -7.47
C THR A 639 12.61 21.76 -6.30
N PHE A 640 13.45 20.76 -6.55
CA PHE A 640 13.96 19.92 -5.48
C PHE A 640 15.05 20.69 -4.74
N GLU A 641 14.61 21.46 -3.74
CA GLU A 641 15.47 22.41 -3.02
C GLU A 641 15.10 22.45 -1.54
N PHE A 642 16.08 22.74 -0.68
CA PHE A 642 15.82 22.88 0.76
C PHE A 642 14.94 24.10 1.03
N ALA A 643 13.95 23.92 1.89
CA ALA A 643 13.11 25.03 2.36
C ALA A 643 12.46 24.61 3.66
N GLN A 644 12.13 25.58 4.51
CA GLN A 644 11.48 25.27 5.77
C GLN A 644 10.13 25.97 5.89
N PHE A 645 9.28 25.39 6.72
CA PHE A 645 7.91 25.83 6.91
C PHE A 645 7.61 25.80 8.40
N ASP A 646 6.80 26.74 8.88
CA ASP A 646 6.50 26.81 10.31
C ASP A 646 5.15 27.47 10.58
N ASN A 647 4.55 27.13 11.72
CA ASN A 647 3.27 27.67 12.14
C ASN A 647 2.20 27.62 11.05
N PHE A 648 1.92 26.41 10.60
CA PHE A 648 0.89 26.20 9.59
C PHE A 648 -0.49 26.36 10.19
N ARG A 649 -1.37 27.06 9.48
CA ARG A 649 -2.78 27.11 9.88
C ARG A 649 -3.65 27.10 8.65
N VAL A 650 -4.85 26.55 8.79
CA VAL A 650 -5.84 26.62 7.73
C VAL A 650 -7.22 26.72 8.33
N GLU A 651 -8.03 27.63 7.81
CA GLU A 651 -9.44 27.71 8.15
C GLU A 651 -10.23 27.51 6.87
N ALA A 652 -11.25 26.67 6.89
CA ALA A 652 -11.97 26.38 5.66
C ALA A 652 -13.44 26.06 5.84
N ALA A 653 -14.20 26.30 4.78
CA ALA A 653 -15.60 25.90 4.71
C ALA A 653 -15.76 24.79 3.65
N ARG A 654 -16.43 23.72 4.04
CA ARG A 654 -16.60 22.55 3.17
C ARG A 654 -17.82 22.70 2.28
#